data_1YFR
#
_entry.id   1YFR
#
_cell.length_a   173.602
_cell.length_b   73.926
_cell.length_c   73.976
_cell.angle_alpha   90.00
_cell.angle_beta   90.00
_cell.angle_gamma   90.00
#
_symmetry.space_group_name_H-M   'P 21 21 21'
#
loop_
_entity.id
_entity.type
_entity.pdbx_description
1 polymer 'Alanyl-tRNA synthetase'
2 non-polymer 'MAGNESIUM ION'
3 non-polymer "ADENOSINE-5'-TRIPHOSPHATE"
4 water water
#
_entity_poly.entity_id   1
_entity_poly.type   'polypeptide(L)'
_entity_poly.pdbx_seq_one_letter_code
;MSLSAHEIRELFLSFFEKKGHTRVKSAPLVPENDPTLLFVNAGMVPFKNVFLGLEKRPYKRATSCQKCLRVSGKHNDLEQ
VGYTSRHHTFFEMLGNFSFGDYFKKEAIEYAWEFVTEVLKLPKEKLYVSVYKDDEEAYRIWNEHIGIPSERIWRLGEEDN
FWQMGDVGPCGPSSEIYVDRGEEYEGDERYLEIWNLVFMQYNRDENGVLTPLPHPNIDTGMGLERIASVLQGKNSNFEID
IIFPLIQFGEEVSGKKYGEKFETDVALRVIADHLRAITFAISDGVIPSNEGRGYVIRRILRRAMRFGYKLGIENPFLYKG
VDLVVDIMKEPYPELELSREFVKGIVKGEEKRFIKTLKAGMEYIQEVIQKALEEGRKTLSGKEVFTAYDTYGFPVDLIDE
IAREKGLGIDLEGFQCELEEQRERARKHFKVEAKKVKPVYSHLKELGKTSAFVGAAALEHHHHHH
;
_entity_poly.pdbx_strand_id   A,B
#
# COMPACT_ATOMS: atom_id res chain seq x y z
N SER A 2 -12.48 20.59 21.07
CA SER A 2 -12.83 19.24 20.54
C SER A 2 -12.18 18.16 21.40
N LEU A 3 -11.03 18.49 21.97
CA LEU A 3 -10.28 17.57 22.83
C LEU A 3 -9.90 16.24 22.18
N SER A 4 -8.61 15.91 22.28
CA SER A 4 -8.09 14.67 21.72
C SER A 4 -8.23 13.56 22.74
N ALA A 5 -7.96 12.32 22.36
CA ALA A 5 -8.06 11.19 23.28
C ALA A 5 -7.19 11.43 24.51
N HIS A 6 -5.93 11.73 24.30
CA HIS A 6 -4.99 11.96 25.39
C HIS A 6 -5.26 13.26 26.10
N GLU A 7 -6.25 14.00 25.61
CA GLU A 7 -6.58 15.27 26.24
C GLU A 7 -7.80 15.07 27.16
N ILE A 8 -8.71 14.20 26.74
CA ILE A 8 -9.91 13.91 27.53
C ILE A 8 -9.50 13.11 28.79
N ARG A 9 -8.61 12.13 28.61
CA ARG A 9 -8.16 11.32 29.73
C ARG A 9 -7.44 12.17 30.74
N GLU A 10 -6.67 13.15 30.24
CA GLU A 10 -5.91 14.04 31.12
C GLU A 10 -6.81 15.05 31.81
N LEU A 11 -7.94 15.36 31.18
CA LEU A 11 -8.87 16.33 31.75
C LEU A 11 -9.70 15.65 32.81
N PHE A 12 -9.91 14.35 32.64
CA PHE A 12 -10.72 13.60 33.56
C PHE A 12 -10.00 13.45 34.91
N LEU A 13 -8.84 12.80 34.86
CA LEU A 13 -8.04 12.52 36.04
C LEU A 13 -7.60 13.80 36.77
N SER A 14 -7.28 14.84 36.01
CA SER A 14 -6.83 16.09 36.62
C SER A 14 -8.01 16.78 37.28
N PHE A 15 -9.19 16.63 36.69
CA PHE A 15 -10.41 17.27 37.21
C PHE A 15 -10.83 16.74 38.57
N PHE A 16 -10.90 15.43 38.69
CA PHE A 16 -11.32 14.81 39.94
C PHE A 16 -10.25 14.91 41.02
N GLU A 17 -9.00 15.06 40.60
CA GLU A 17 -7.92 15.23 41.57
C GLU A 17 -8.27 16.50 42.34
N LYS A 18 -8.81 17.46 41.59
CA LYS A 18 -9.23 18.74 42.16
C LYS A 18 -10.38 18.52 43.15
N LYS A 19 -11.17 17.50 42.87
CA LYS A 19 -12.31 17.17 43.72
C LYS A 19 -11.87 16.28 44.87
N GLY A 20 -10.56 16.22 45.12
CA GLY A 20 -10.06 15.42 46.22
C GLY A 20 -9.84 13.95 45.89
N HIS A 21 -9.75 13.61 44.61
CA HIS A 21 -9.53 12.23 44.18
C HIS A 21 -8.07 11.94 43.81
N THR A 22 -7.36 11.22 44.67
CA THR A 22 -5.96 10.89 44.39
C THR A 22 -5.91 10.06 43.11
N ARG A 23 -5.20 10.58 42.10
CA ARG A 23 -5.08 9.88 40.83
C ARG A 23 -4.31 8.60 41.03
N VAL A 24 -4.88 7.49 40.59
CA VAL A 24 -4.23 6.17 40.73
C VAL A 24 -3.82 5.64 39.36
N LYS A 25 -2.76 4.83 39.36
CA LYS A 25 -2.25 4.23 38.13
C LYS A 25 -3.03 2.96 37.79
N SER A 26 -3.53 2.89 36.56
CA SER A 26 -4.29 1.74 36.13
C SER A 26 -3.54 0.45 36.38
N ALA A 27 -4.18 -0.48 37.09
CA ALA A 27 -3.55 -1.76 37.36
C ALA A 27 -3.39 -2.52 36.04
N PRO A 28 -2.54 -3.56 36.01
CA PRO A 28 -2.36 -4.33 34.79
C PRO A 28 -3.63 -5.10 34.36
N LEU A 29 -3.74 -5.40 33.07
CA LEU A 29 -4.89 -6.12 32.57
C LEU A 29 -5.00 -7.46 33.28
N VAL A 30 -3.87 -7.93 33.83
CA VAL A 30 -3.82 -9.22 34.49
C VAL A 30 -4.02 -9.05 35.97
N PRO A 31 -5.13 -9.56 36.51
CA PRO A 31 -5.47 -9.48 37.93
C PRO A 31 -4.37 -10.05 38.78
N GLU A 32 -3.98 -9.33 39.82
CA GLU A 32 -2.89 -9.79 40.67
C GLU A 32 -3.25 -11.06 41.44
N ASN A 33 -4.11 -10.94 42.44
CA ASN A 33 -4.53 -12.09 43.22
C ASN A 33 -6.00 -12.46 43.02
N ASP A 34 -6.31 -13.04 41.87
CA ASP A 34 -7.66 -13.48 41.52
C ASP A 34 -7.54 -14.34 40.25
N PRO A 35 -7.39 -15.65 40.43
CA PRO A 35 -7.26 -16.61 39.32
C PRO A 35 -8.50 -16.78 38.47
N THR A 36 -9.67 -16.54 39.06
CA THR A 36 -10.93 -16.69 38.32
C THR A 36 -11.09 -15.63 37.22
N LEU A 37 -11.01 -14.36 37.64
CA LEU A 37 -11.15 -13.24 36.71
C LEU A 37 -9.91 -13.18 35.80
N LEU A 38 -10.04 -13.68 34.58
CA LEU A 38 -8.92 -13.71 33.63
C LEU A 38 -8.32 -12.33 33.31
N PHE A 39 -9.17 -11.36 33.02
CA PHE A 39 -8.69 -10.00 32.70
C PHE A 39 -9.58 -8.94 33.38
N VAL A 40 -8.93 -7.83 33.75
CA VAL A 40 -9.63 -6.72 34.36
C VAL A 40 -10.74 -6.32 33.39
N ASN A 41 -11.76 -5.65 33.89
CA ASN A 41 -12.85 -5.22 33.03
C ASN A 41 -13.48 -3.89 33.47
N ALA A 42 -12.95 -3.26 34.53
CA ALA A 42 -13.49 -1.99 35.01
C ALA A 42 -12.53 -1.30 35.98
N GLY A 43 -12.85 -0.05 36.31
CA GLY A 43 -11.97 0.69 37.19
C GLY A 43 -12.11 0.31 38.64
N MET A 44 -13.16 -0.43 38.97
CA MET A 44 -13.41 -0.86 40.35
C MET A 44 -12.89 -2.27 40.61
N VAL A 45 -12.30 -2.87 39.59
CA VAL A 45 -11.75 -4.21 39.70
C VAL A 45 -10.64 -4.31 40.76
N PRO A 46 -9.60 -3.46 40.66
CA PRO A 46 -8.50 -3.48 41.63
C PRO A 46 -8.94 -3.02 43.03
N PHE A 47 -10.04 -2.28 43.08
CA PHE A 47 -10.56 -1.76 44.35
C PHE A 47 -11.75 -2.57 44.85
N LYS A 48 -11.95 -3.76 44.28
CA LYS A 48 -13.05 -4.61 44.69
C LYS A 48 -12.96 -5.05 46.15
N ASN A 49 -11.75 -4.98 46.72
CA ASN A 49 -11.58 -5.41 48.11
C ASN A 49 -11.68 -4.22 49.07
N VAL A 50 -11.89 -3.03 48.50
CA VAL A 50 -12.02 -1.81 49.29
C VAL A 50 -13.47 -1.66 49.67
N PHE A 51 -14.33 -1.70 48.65
CA PHE A 51 -15.77 -1.60 48.86
C PHE A 51 -16.25 -2.67 49.83
N LEU A 52 -15.54 -3.79 49.84
CA LEU A 52 -15.85 -4.91 50.71
C LEU A 52 -15.44 -4.59 52.15
N GLY A 53 -14.41 -3.76 52.31
CA GLY A 53 -13.96 -3.41 53.63
C GLY A 53 -12.67 -4.09 54.04
N LEU A 54 -12.12 -4.91 53.15
CA LEU A 54 -10.87 -5.59 53.43
C LEU A 54 -9.70 -4.61 53.41
N GLU A 55 -9.51 -3.94 52.28
CA GLU A 55 -8.42 -2.99 52.16
C GLU A 55 -8.85 -1.63 52.72
N LYS A 56 -7.87 -0.84 53.13
CA LYS A 56 -8.12 0.49 53.66
C LYS A 56 -7.10 1.49 53.09
N ARG A 57 -7.23 1.79 51.81
CA ARG A 57 -6.32 2.72 51.16
C ARG A 57 -6.26 4.03 51.93
N PRO A 58 -5.12 4.72 51.84
CA PRO A 58 -4.91 6.01 52.53
C PRO A 58 -5.90 7.07 52.12
N TYR A 59 -6.42 6.94 50.91
CA TYR A 59 -7.38 7.89 50.38
C TYR A 59 -8.82 7.39 50.39
N LYS A 60 -9.73 8.28 50.79
CA LYS A 60 -11.16 7.99 50.81
C LYS A 60 -11.73 8.18 49.42
N ARG A 61 -10.94 8.81 48.56
CA ARG A 61 -11.34 9.08 47.19
C ARG A 61 -10.22 8.66 46.23
N ALA A 62 -10.59 8.23 45.04
CA ALA A 62 -9.60 7.81 44.06
C ALA A 62 -10.18 7.78 42.64
N THR A 63 -9.45 8.40 41.72
CA THR A 63 -9.87 8.45 40.32
C THR A 63 -8.82 7.69 39.48
N SER A 64 -9.25 7.10 38.37
CA SER A 64 -8.32 6.36 37.54
C SER A 64 -8.79 6.00 36.14
N CYS A 65 -7.84 5.82 35.24
CA CYS A 65 -8.14 5.43 33.86
C CYS A 65 -7.65 3.99 33.73
N GLN A 66 -8.50 3.04 34.09
CA GLN A 66 -8.17 1.63 34.07
C GLN A 66 -8.18 1.03 32.67
N LYS A 67 -7.20 0.18 32.42
CA LYS A 67 -7.12 -0.51 31.14
C LYS A 67 -8.03 -1.72 31.23
N CYS A 68 -8.99 -1.84 30.32
CA CYS A 68 -9.97 -2.93 30.37
C CYS A 68 -9.93 -3.87 29.19
N LEU A 69 -10.37 -5.10 29.45
CA LEU A 69 -10.40 -6.17 28.45
C LEU A 69 -11.67 -7.02 28.60
N ARG A 70 -12.67 -6.76 27.76
CA ARG A 70 -13.94 -7.48 27.81
C ARG A 70 -13.92 -8.64 26.84
N VAL A 71 -13.30 -9.75 27.24
CA VAL A 71 -13.23 -10.90 26.34
C VAL A 71 -13.37 -12.21 27.08
N SER A 72 -13.82 -12.14 28.34
CA SER A 72 -13.97 -13.34 29.16
C SER A 72 -15.18 -13.27 30.10
N GLY A 73 -15.53 -14.39 30.69
CA GLY A 73 -16.68 -14.43 31.58
C GLY A 73 -18.00 -13.97 31.00
N LYS A 74 -18.80 -13.28 31.83
CA LYS A 74 -20.12 -12.79 31.45
C LYS A 74 -20.08 -11.53 30.62
N HIS A 75 -18.91 -10.89 30.57
CA HIS A 75 -18.73 -9.67 29.78
C HIS A 75 -17.79 -9.97 28.61
N ASN A 76 -18.28 -10.79 27.68
CA ASN A 76 -17.50 -11.20 26.52
C ASN A 76 -17.98 -10.49 25.26
N ASP A 77 -17.26 -9.48 24.81
CA ASP A 77 -17.65 -8.75 23.59
C ASP A 77 -16.89 -9.20 22.32
N LEU A 78 -15.84 -9.98 22.51
CA LEU A 78 -15.00 -10.47 21.41
C LEU A 78 -15.79 -10.81 20.14
N GLU A 79 -17.00 -11.34 20.31
CA GLU A 79 -17.81 -11.69 19.17
C GLU A 79 -18.23 -10.53 18.25
N GLN A 80 -18.71 -9.44 18.85
CA GLN A 80 -19.16 -8.28 18.07
C GLN A 80 -18.05 -7.33 17.64
N VAL A 81 -16.84 -7.60 18.09
CA VAL A 81 -15.70 -6.77 17.73
C VAL A 81 -15.44 -6.77 16.22
N GLY A 82 -15.60 -5.59 15.63
CA GLY A 82 -15.39 -5.46 14.20
C GLY A 82 -16.71 -5.36 13.45
N TYR A 83 -17.79 -5.85 14.08
CA TYR A 83 -19.13 -5.83 13.48
C TYR A 83 -19.90 -4.52 13.73
N THR A 84 -19.55 -3.84 14.81
CA THR A 84 -20.21 -2.57 15.15
C THR A 84 -19.17 -1.47 15.29
N SER A 85 -19.62 -0.32 15.79
CA SER A 85 -18.71 0.82 15.99
C SER A 85 -18.55 1.21 17.47
N ARG A 86 -19.00 0.33 18.37
CA ARG A 86 -18.93 0.61 19.79
C ARG A 86 -18.40 -0.56 20.65
N HIS A 87 -18.02 -1.68 20.03
CA HIS A 87 -17.53 -2.83 20.76
C HIS A 87 -16.04 -3.14 20.56
N HIS A 88 -15.30 -3.05 21.65
CA HIS A 88 -13.88 -3.33 21.66
C HIS A 88 -13.54 -4.43 22.66
N THR A 89 -12.37 -5.03 22.51
CA THR A 89 -11.90 -6.04 23.43
C THR A 89 -11.18 -5.22 24.47
N PHE A 90 -10.21 -4.46 24.00
CA PHE A 90 -9.43 -3.63 24.88
C PHE A 90 -10.01 -2.25 24.82
N PHE A 91 -10.09 -1.58 25.97
CA PHE A 91 -10.65 -0.22 25.99
C PHE A 91 -10.29 0.47 27.27
N GLU A 92 -10.26 1.80 27.24
CA GLU A 92 -9.89 2.58 28.40
C GLU A 92 -11.11 3.07 29.16
N MET A 93 -11.25 2.62 30.41
CA MET A 93 -12.38 3.07 31.23
C MET A 93 -11.90 4.12 32.21
N LEU A 94 -12.63 5.24 32.27
CA LEU A 94 -12.30 6.34 33.16
C LEU A 94 -13.32 6.32 34.30
N GLY A 95 -12.94 6.79 35.48
CA GLY A 95 -13.88 6.83 36.56
C GLY A 95 -13.35 7.26 37.91
N ASN A 96 -14.30 7.60 38.78
CA ASN A 96 -13.98 8.04 40.13
C ASN A 96 -14.58 6.97 41.04
N PHE A 97 -14.00 6.82 42.23
CA PHE A 97 -14.46 5.83 43.18
C PHE A 97 -14.45 6.45 44.55
N SER A 98 -15.52 6.24 45.30
CA SER A 98 -15.64 6.78 46.65
C SER A 98 -15.74 5.63 47.64
N PHE A 99 -14.72 5.47 48.48
CA PHE A 99 -14.69 4.39 49.46
C PHE A 99 -15.35 4.82 50.77
N GLY A 100 -16.68 4.77 50.79
CA GLY A 100 -17.44 5.15 51.97
C GLY A 100 -17.32 6.62 52.29
N ASP A 101 -17.02 7.42 51.26
CA ASP A 101 -16.88 8.87 51.41
C ASP A 101 -18.19 9.56 51.03
N TYR A 102 -18.11 10.45 50.04
CA TYR A 102 -19.28 11.17 49.55
C TYR A 102 -20.21 10.18 48.87
N PHE A 103 -21.40 10.64 48.47
CA PHE A 103 -22.38 9.74 47.87
C PHE A 103 -22.98 10.22 46.55
N LYS A 104 -24.31 10.13 46.45
CA LYS A 104 -25.01 10.50 45.23
C LYS A 104 -25.05 12.01 44.96
N LYS A 105 -25.29 12.81 45.98
CA LYS A 105 -25.36 14.27 45.82
C LYS A 105 -24.04 14.87 45.35
N GLU A 106 -22.94 14.14 45.60
CA GLU A 106 -21.61 14.60 45.20
C GLU A 106 -21.19 13.93 43.90
N ALA A 107 -21.52 12.65 43.75
CA ALA A 107 -21.15 11.90 42.56
C ALA A 107 -21.75 12.50 41.31
N ILE A 108 -22.94 13.10 41.46
CA ILE A 108 -23.64 13.70 40.32
C ILE A 108 -23.09 15.07 39.97
N GLU A 109 -22.90 15.89 41.00
CA GLU A 109 -22.37 17.23 40.80
C GLU A 109 -21.03 17.17 40.07
N TYR A 110 -20.13 16.36 40.59
CA TYR A 110 -18.80 16.18 40.01
C TYR A 110 -18.90 15.49 38.65
N ALA A 111 -20.09 14.99 38.33
CA ALA A 111 -20.31 14.29 37.07
C ALA A 111 -20.97 15.19 36.01
N TRP A 112 -21.65 16.23 36.46
CA TRP A 112 -22.31 17.16 35.56
C TRP A 112 -21.42 18.34 35.20
N GLU A 113 -20.53 18.70 36.11
CA GLU A 113 -19.61 19.81 35.86
C GLU A 113 -18.58 19.40 34.80
N PHE A 114 -18.12 18.16 34.87
CA PHE A 114 -17.13 17.66 33.92
C PHE A 114 -17.72 17.61 32.54
N VAL A 115 -18.94 17.07 32.41
CA VAL A 115 -19.61 16.98 31.11
C VAL A 115 -19.97 18.33 30.47
N THR A 116 -20.36 19.30 31.28
CA THR A 116 -20.75 20.62 30.77
C THR A 116 -19.69 21.69 30.95
N GLU A 117 -19.16 21.82 32.17
CA GLU A 117 -18.14 22.83 32.46
C GLU A 117 -16.72 22.39 32.11
N VAL A 118 -16.58 21.16 31.62
CA VAL A 118 -15.26 20.64 31.28
C VAL A 118 -15.18 20.01 29.91
N LEU A 119 -16.28 19.40 29.46
CA LEU A 119 -16.32 18.79 28.15
C LEU A 119 -16.99 19.72 27.12
N LYS A 120 -17.45 20.87 27.59
CA LYS A 120 -18.08 21.86 26.73
C LYS A 120 -19.26 21.31 25.95
N LEU A 121 -19.93 20.30 26.49
CA LEU A 121 -21.11 19.73 25.84
C LEU A 121 -22.32 20.51 26.39
N PRO A 122 -23.09 21.14 25.49
CA PRO A 122 -24.27 21.89 25.95
C PRO A 122 -25.21 21.06 26.80
N LYS A 123 -25.84 21.71 27.77
CA LYS A 123 -26.77 21.05 28.67
C LYS A 123 -28.18 20.97 28.08
N GLU A 124 -28.33 21.38 26.82
CA GLU A 124 -29.63 21.35 26.16
C GLU A 124 -29.82 20.01 25.44
N LYS A 125 -28.72 19.30 25.22
CA LYS A 125 -28.79 18.01 24.51
C LYS A 125 -28.42 16.82 25.39
N LEU A 126 -28.31 17.07 26.69
CA LEU A 126 -27.94 16.01 27.63
C LEU A 126 -29.16 15.28 28.15
N TYR A 127 -28.98 14.01 28.48
CA TYR A 127 -30.03 13.16 29.00
C TYR A 127 -29.47 12.28 30.09
N VAL A 128 -30.32 11.91 31.05
CA VAL A 128 -29.89 11.08 32.15
C VAL A 128 -30.94 10.05 32.56
N SER A 129 -30.49 9.02 33.27
CA SER A 129 -31.39 7.98 33.74
C SER A 129 -31.12 7.63 35.19
N VAL A 130 -32.16 7.16 35.87
CA VAL A 130 -32.06 6.77 37.26
C VAL A 130 -33.04 5.65 37.53
N TYR A 131 -32.73 4.84 38.53
CA TYR A 131 -33.60 3.73 38.89
C TYR A 131 -34.94 4.35 39.37
N LYS A 132 -36.03 3.98 38.72
CA LYS A 132 -37.34 4.53 39.07
C LYS A 132 -37.61 4.61 40.57
N ASP A 133 -37.43 3.51 41.29
CA ASP A 133 -37.68 3.49 42.73
C ASP A 133 -36.58 4.19 43.50
N ASP A 134 -35.76 4.96 42.81
CA ASP A 134 -34.68 5.72 43.46
C ASP A 134 -34.95 7.21 43.33
N GLU A 135 -35.95 7.68 44.08
CA GLU A 135 -36.34 9.08 44.08
C GLU A 135 -35.16 9.93 44.57
N GLU A 136 -34.28 9.32 45.34
CA GLU A 136 -33.09 9.99 45.87
C GLU A 136 -32.23 10.66 44.78
N ALA A 137 -32.01 9.95 43.68
CA ALA A 137 -31.21 10.47 42.57
C ALA A 137 -32.03 11.42 41.68
N TYR A 138 -33.33 11.15 41.55
CA TYR A 138 -34.20 11.98 40.73
C TYR A 138 -34.32 13.39 41.32
N ARG A 139 -34.24 13.48 42.65
CA ARG A 139 -34.36 14.79 43.30
C ARG A 139 -33.11 15.62 42.99
N ILE A 140 -31.94 15.01 43.19
CA ILE A 140 -30.67 15.69 42.93
C ILE A 140 -30.65 16.20 41.50
N TRP A 141 -30.94 15.32 40.56
CA TRP A 141 -30.96 15.66 39.15
C TRP A 141 -31.98 16.75 38.81
N ASN A 142 -33.25 16.40 38.91
CA ASN A 142 -34.32 17.33 38.59
C ASN A 142 -34.44 18.58 39.46
N GLU A 143 -34.34 18.42 40.78
CA GLU A 143 -34.47 19.53 41.72
C GLU A 143 -33.21 20.32 42.03
N HIS A 144 -32.20 19.64 42.57
CA HIS A 144 -30.94 20.29 42.92
C HIS A 144 -30.23 20.85 41.68
N ILE A 145 -29.64 19.96 40.89
CA ILE A 145 -28.96 20.38 39.66
C ILE A 145 -29.89 21.20 38.75
N GLY A 146 -31.20 20.96 38.89
CA GLY A 146 -32.17 21.68 38.11
C GLY A 146 -32.24 21.25 36.66
N ILE A 147 -32.73 20.03 36.45
CA ILE A 147 -32.86 19.52 35.09
C ILE A 147 -34.33 19.21 34.81
N PRO A 148 -34.82 19.54 33.61
CA PRO A 148 -36.21 19.27 33.25
C PRO A 148 -36.54 17.79 33.32
N SER A 149 -37.74 17.50 33.82
CA SER A 149 -38.21 16.13 33.96
C SER A 149 -38.26 15.32 32.66
N GLU A 150 -38.78 15.94 31.60
CA GLU A 150 -38.87 15.27 30.29
C GLU A 150 -37.50 14.76 29.81
N ARG A 151 -36.43 15.37 30.32
CA ARG A 151 -35.08 14.98 29.93
C ARG A 151 -34.48 13.92 30.87
N ILE A 152 -35.32 13.34 31.73
CA ILE A 152 -34.85 12.32 32.67
C ILE A 152 -35.74 11.09 32.59
N TRP A 153 -35.10 9.92 32.50
CA TRP A 153 -35.84 8.67 32.42
C TRP A 153 -35.70 7.77 33.63
N ARG A 154 -36.81 7.21 34.10
CA ARG A 154 -36.81 6.28 35.23
C ARG A 154 -37.13 4.88 34.71
N LEU A 155 -36.10 4.05 34.58
CA LEU A 155 -36.24 2.70 34.04
C LEU A 155 -36.26 1.63 35.14
N GLY A 156 -36.16 0.37 34.74
CA GLY A 156 -36.23 -0.72 35.71
C GLY A 156 -34.90 -1.16 36.30
N GLU A 157 -34.85 -2.42 36.72
CA GLU A 157 -33.64 -2.99 37.30
C GLU A 157 -32.62 -3.38 36.23
N GLU A 158 -33.10 -3.86 35.09
CA GLU A 158 -32.21 -4.29 33.99
C GLU A 158 -31.48 -3.13 33.35
N ASP A 159 -31.92 -1.92 33.66
CA ASP A 159 -31.31 -0.74 33.09
C ASP A 159 -30.65 0.21 34.11
N ASN A 160 -31.10 0.20 35.37
CA ASN A 160 -30.55 1.08 36.38
C ASN A 160 -30.27 0.48 37.77
N PHE A 161 -29.72 -0.72 37.80
CA PHE A 161 -29.36 -1.35 39.05
C PHE A 161 -28.12 -2.23 38.80
N TRP A 162 -26.99 -1.76 39.29
CA TRP A 162 -25.74 -2.47 39.13
C TRP A 162 -25.47 -3.39 40.33
N GLN A 163 -24.84 -4.52 40.06
CA GLN A 163 -24.50 -5.47 41.13
C GLN A 163 -23.08 -5.98 40.97
N MET A 164 -22.44 -6.30 42.10
CA MET A 164 -21.09 -6.83 42.08
C MET A 164 -21.14 -8.36 42.23
N GLY A 165 -21.97 -9.00 41.41
CA GLY A 165 -22.12 -10.45 41.48
C GLY A 165 -23.43 -10.86 42.15
N ASP A 166 -23.49 -12.13 42.54
CA ASP A 166 -24.69 -12.65 43.18
C ASP A 166 -24.83 -12.12 44.60
N VAL A 167 -23.69 -11.98 45.27
CA VAL A 167 -23.65 -11.47 46.66
C VAL A 167 -22.65 -10.33 46.76
N GLY A 168 -22.87 -9.45 47.74
CA GLY A 168 -21.95 -8.34 47.92
C GLY A 168 -22.61 -7.00 47.66
N PRO A 169 -21.84 -5.90 47.72
CA PRO A 169 -22.37 -4.55 47.48
C PRO A 169 -22.94 -4.33 46.09
N CYS A 170 -24.10 -3.70 46.02
CA CYS A 170 -24.77 -3.39 44.77
C CYS A 170 -25.67 -2.19 45.02
N GLY A 171 -26.58 -1.91 44.09
CA GLY A 171 -27.48 -0.79 44.29
C GLY A 171 -27.91 -0.08 43.02
N PRO A 172 -28.75 0.95 43.13
CA PRO A 172 -29.23 1.71 41.96
C PRO A 172 -28.08 2.44 41.24
N SER A 173 -28.31 2.73 39.97
CA SER A 173 -27.32 3.42 39.15
C SER A 173 -27.92 4.61 38.39
N SER A 174 -27.08 5.31 37.64
CA SER A 174 -27.53 6.45 36.85
C SER A 174 -26.59 6.65 35.66
N GLU A 175 -27.18 6.71 34.45
CA GLU A 175 -26.42 6.88 33.22
C GLU A 175 -26.61 8.24 32.57
N ILE A 176 -25.53 8.77 32.00
CA ILE A 176 -25.55 10.07 31.34
C ILE A 176 -25.49 9.86 29.84
N TYR A 177 -26.54 10.33 29.15
CA TYR A 177 -26.64 10.16 27.69
C TYR A 177 -26.52 11.47 26.94
N VAL A 178 -25.85 11.44 25.80
CA VAL A 178 -25.67 12.62 24.97
C VAL A 178 -26.49 12.43 23.68
N ASP A 179 -27.41 13.36 23.43
CA ASP A 179 -28.30 13.31 22.27
C ASP A 179 -27.51 13.78 21.05
N ARG A 180 -27.54 12.99 19.98
CA ARG A 180 -26.78 13.30 18.77
C ARG A 180 -27.55 13.86 17.58
N GLY A 181 -28.78 14.32 17.81
CA GLY A 181 -29.55 14.93 16.72
C GLY A 181 -30.86 14.24 16.38
N GLU A 182 -31.20 14.21 15.08
CA GLU A 182 -32.42 13.57 14.60
C GLU A 182 -32.14 12.55 13.49
N GLU A 183 -30.96 12.61 12.91
CA GLU A 183 -30.59 11.68 11.85
C GLU A 183 -30.33 10.27 12.38
N TYR A 184 -30.02 10.17 13.67
CA TYR A 184 -29.74 8.91 14.33
C TYR A 184 -30.97 8.32 15.03
N GLU A 185 -30.84 7.09 15.53
CA GLU A 185 -31.92 6.42 16.24
C GLU A 185 -31.44 5.41 17.29
N GLY A 186 -32.15 5.37 18.41
CA GLY A 186 -31.83 4.43 19.48
C GLY A 186 -30.64 4.82 20.36
N ASP A 187 -29.94 3.79 20.84
CA ASP A 187 -28.79 4.01 21.73
C ASP A 187 -27.69 4.83 21.04
N GLU A 188 -27.78 4.93 19.73
CA GLU A 188 -26.82 5.73 18.96
C GLU A 188 -27.06 7.20 19.24
N ARG A 189 -28.22 7.68 18.83
CA ARG A 189 -28.61 9.05 19.06
C ARG A 189 -28.48 9.40 20.55
N TYR A 190 -28.78 8.43 21.42
CA TYR A 190 -28.67 8.62 22.85
C TYR A 190 -27.51 7.77 23.37
N LEU A 191 -26.31 8.13 22.92
CA LEU A 191 -25.11 7.39 23.28
C LEU A 191 -24.79 7.43 24.75
N GLU A 192 -24.61 6.26 25.35
CA GLU A 192 -24.26 6.21 26.76
C GLU A 192 -22.82 6.69 26.83
N ILE A 193 -22.53 7.62 27.73
CA ILE A 193 -21.18 8.15 27.83
C ILE A 193 -20.60 8.00 29.21
N TRP A 194 -21.48 7.94 30.21
CA TRP A 194 -21.03 7.78 31.60
C TRP A 194 -21.97 6.88 32.42
N ASN A 195 -21.38 6.00 33.22
CA ASN A 195 -22.18 5.12 34.06
C ASN A 195 -21.90 5.37 35.53
N LEU A 196 -22.78 6.10 36.19
CA LEU A 196 -22.59 6.36 37.62
C LEU A 196 -23.27 5.26 38.45
N VAL A 197 -22.48 4.43 39.13
CA VAL A 197 -23.00 3.34 39.93
C VAL A 197 -23.03 3.72 41.40
N PHE A 198 -24.12 3.42 42.09
CA PHE A 198 -24.25 3.78 43.50
C PHE A 198 -24.35 2.55 44.38
N MET A 199 -23.22 2.16 44.99
CA MET A 199 -23.23 1.00 45.87
C MET A 199 -24.03 1.37 47.12
N GLN A 200 -25.29 0.93 47.16
CA GLN A 200 -26.15 1.23 48.29
C GLN A 200 -26.58 0.02 49.15
N TYR A 201 -26.84 -1.10 48.49
CA TYR A 201 -27.27 -2.30 49.17
C TYR A 201 -26.31 -3.47 48.97
N ASN A 202 -26.24 -4.35 49.95
CA ASN A 202 -25.40 -5.53 49.85
C ASN A 202 -26.32 -6.76 49.81
N ARG A 203 -26.49 -7.33 48.62
CA ARG A 203 -27.32 -8.52 48.47
C ARG A 203 -26.71 -9.72 49.19
N ASP A 204 -27.52 -10.37 50.01
CA ASP A 204 -27.10 -11.56 50.75
C ASP A 204 -27.25 -12.85 49.93
N GLU A 205 -27.17 -13.99 50.60
CA GLU A 205 -27.23 -15.28 49.92
C GLU A 205 -28.66 -15.70 49.57
N ASN A 206 -29.64 -14.97 50.06
CA ASN A 206 -31.03 -15.30 49.81
C ASN A 206 -31.66 -14.29 48.85
N GLY A 207 -30.86 -13.32 48.41
CA GLY A 207 -31.38 -12.32 47.50
C GLY A 207 -32.06 -11.14 48.15
N VAL A 208 -31.93 -11.03 49.47
CA VAL A 208 -32.49 -9.90 50.19
C VAL A 208 -31.48 -8.75 50.23
N LEU A 209 -31.97 -7.52 50.08
CA LEU A 209 -31.11 -6.34 50.04
C LEU A 209 -31.09 -5.55 51.33
N THR A 210 -29.89 -5.38 51.88
CA THR A 210 -29.68 -4.62 53.10
C THR A 210 -28.73 -3.45 52.85
N PRO A 211 -29.10 -2.26 53.33
CA PRO A 211 -28.25 -1.08 53.13
C PRO A 211 -26.85 -1.24 53.73
N LEU A 212 -25.93 -0.39 53.27
CA LEU A 212 -24.55 -0.42 53.78
C LEU A 212 -24.39 0.77 54.74
N PRO A 213 -23.51 0.62 55.75
CA PRO A 213 -23.29 1.70 56.70
C PRO A 213 -22.38 2.80 56.11
N HIS A 214 -21.69 2.45 55.03
CA HIS A 214 -20.78 3.41 54.38
C HIS A 214 -20.86 3.13 52.86
N PRO A 215 -21.78 3.81 52.15
CA PRO A 215 -21.95 3.62 50.71
C PRO A 215 -20.70 3.91 49.88
N ASN A 216 -20.75 3.56 48.61
CA ASN A 216 -19.61 3.78 47.72
C ASN A 216 -20.04 4.34 46.38
N ILE A 217 -19.05 4.74 45.58
CA ILE A 217 -19.31 5.30 44.26
C ILE A 217 -18.40 4.68 43.20
N ASP A 218 -18.98 4.27 42.09
CA ASP A 218 -18.25 3.66 41.00
C ASP A 218 -18.76 4.21 39.67
N THR A 219 -17.84 4.84 38.94
CA THR A 219 -18.18 5.40 37.64
C THR A 219 -17.29 4.85 36.52
N GLY A 220 -17.87 4.64 35.34
CA GLY A 220 -17.10 4.15 34.23
C GLY A 220 -17.43 4.80 32.88
N MET A 221 -16.69 5.85 32.52
CA MET A 221 -16.89 6.53 31.24
C MET A 221 -15.91 6.03 30.19
N GLY A 222 -16.43 5.47 29.11
CA GLY A 222 -15.56 4.99 28.05
C GLY A 222 -14.79 6.14 27.40
N LEU A 223 -13.46 6.04 27.37
CA LEU A 223 -12.64 7.10 26.80
C LEU A 223 -12.95 7.21 25.32
N GLU A 224 -12.69 6.11 24.63
CA GLU A 224 -12.92 6.03 23.18
C GLU A 224 -14.37 6.37 22.78
N ARG A 225 -15.32 6.03 23.63
CA ARG A 225 -16.72 6.30 23.32
C ARG A 225 -17.09 7.79 23.40
N ILE A 226 -16.66 8.47 24.46
CA ILE A 226 -16.96 9.88 24.62
C ILE A 226 -16.08 10.69 23.69
N ALA A 227 -14.91 10.14 23.37
CA ALA A 227 -13.98 10.81 22.47
C ALA A 227 -14.64 10.97 21.13
N SER A 228 -15.46 9.99 20.75
CA SER A 228 -16.17 10.03 19.46
C SER A 228 -17.06 11.28 19.40
N VAL A 229 -17.85 11.48 20.45
CA VAL A 229 -18.73 12.63 20.57
C VAL A 229 -17.99 13.95 20.37
N LEU A 230 -17.00 14.22 21.22
CA LEU A 230 -16.21 15.45 21.12
C LEU A 230 -15.49 15.60 19.77
N GLN A 231 -15.06 14.49 19.20
CA GLN A 231 -14.36 14.54 17.92
C GLN A 231 -15.36 14.46 16.76
N GLY A 232 -16.61 14.80 17.06
CA GLY A 232 -17.65 14.78 16.04
C GLY A 232 -17.62 13.58 15.12
N LYS A 233 -17.33 12.40 15.68
CA LYS A 233 -17.28 11.17 14.92
C LYS A 233 -18.48 10.27 15.24
N ASN A 234 -18.76 9.33 14.34
CA ASN A 234 -19.85 8.39 14.53
C ASN A 234 -19.34 6.95 14.61
N SER A 235 -18.10 6.81 15.08
CA SER A 235 -17.47 5.49 15.24
C SER A 235 -16.27 5.61 16.16
N ASN A 236 -16.14 4.69 17.12
CA ASN A 236 -15.03 4.76 18.07
C ASN A 236 -13.76 4.46 17.33
N PHE A 237 -13.92 3.92 16.12
CA PHE A 237 -12.77 3.58 15.28
C PHE A 237 -12.29 4.75 14.42
N GLU A 238 -12.89 5.91 14.61
CA GLU A 238 -12.52 7.10 13.85
C GLU A 238 -11.82 8.15 14.70
N ILE A 239 -11.49 7.80 15.94
CA ILE A 239 -10.81 8.73 16.83
C ILE A 239 -9.33 8.86 16.52
N ASP A 240 -8.77 10.00 16.93
CA ASP A 240 -7.36 10.31 16.70
C ASP A 240 -6.37 9.19 17.10
N ILE A 241 -6.81 8.26 17.94
CA ILE A 241 -5.91 7.19 18.38
C ILE A 241 -6.10 5.82 17.69
N ILE A 242 -7.28 5.59 17.11
CA ILE A 242 -7.51 4.30 16.47
C ILE A 242 -7.53 4.35 14.95
N PHE A 243 -7.98 5.47 14.37
CA PHE A 243 -8.03 5.60 12.91
C PHE A 243 -6.70 5.24 12.25
N PRO A 244 -5.58 5.82 12.71
CA PRO A 244 -4.29 5.51 12.11
C PRO A 244 -4.08 4.00 11.99
N LEU A 245 -4.63 3.26 12.94
CA LEU A 245 -4.52 1.82 12.95
C LEU A 245 -5.35 1.21 11.80
N ILE A 246 -6.49 1.83 11.51
CA ILE A 246 -7.37 1.36 10.44
C ILE A 246 -6.64 1.57 9.11
N GLN A 247 -6.15 2.79 8.89
CA GLN A 247 -5.42 3.10 7.66
C GLN A 247 -4.23 2.17 7.51
N PHE A 248 -3.68 1.72 8.64
CA PHE A 248 -2.56 0.81 8.64
C PHE A 248 -2.99 -0.49 7.99
N GLY A 249 -4.26 -0.84 8.17
CA GLY A 249 -4.81 -2.03 7.54
C GLY A 249 -4.97 -1.71 6.06
N GLU A 250 -5.57 -0.56 5.76
CA GLU A 250 -5.76 -0.09 4.38
C GLU A 250 -4.46 -0.23 3.58
N GLU A 251 -3.36 0.21 4.20
CA GLU A 251 -2.06 0.18 3.56
C GLU A 251 -1.45 -1.21 3.41
N VAL A 252 -1.64 -2.06 4.41
CA VAL A 252 -1.10 -3.42 4.37
C VAL A 252 -1.80 -4.27 3.32
N SER A 253 -3.09 -4.01 3.13
CA SER A 253 -3.87 -4.80 2.18
C SER A 253 -4.04 -4.08 0.84
N GLY A 254 -4.18 -2.77 0.91
CA GLY A 254 -4.39 -1.97 -0.28
C GLY A 254 -5.83 -1.52 -0.35
N LYS A 255 -6.66 -2.17 0.45
CA LYS A 255 -8.08 -1.89 0.51
C LYS A 255 -8.32 -0.56 1.21
N LYS A 256 -9.52 -0.02 1.08
CA LYS A 256 -9.88 1.24 1.72
C LYS A 256 -11.16 1.11 2.52
N TYR A 257 -11.50 2.18 3.25
CA TYR A 257 -12.71 2.21 4.07
C TYR A 257 -13.84 2.73 3.22
N GLY A 258 -15.08 2.34 3.55
CA GLY A 258 -16.23 2.80 2.80
C GLY A 258 -16.36 2.19 1.42
N GLU A 259 -16.72 0.91 1.38
CA GLU A 259 -16.92 0.18 0.13
C GLU A 259 -17.82 -1.04 0.36
N LYS A 260 -17.29 -2.04 1.07
CA LYS A 260 -18.05 -3.23 1.38
C LYS A 260 -18.16 -3.39 2.90
N PHE A 261 -19.10 -4.21 3.34
CA PHE A 261 -19.29 -4.41 4.76
C PHE A 261 -18.26 -5.38 5.34
N GLU A 262 -18.05 -6.52 4.68
CA GLU A 262 -17.09 -7.52 5.14
C GLU A 262 -15.64 -7.03 5.01
N THR A 263 -15.47 -5.76 4.68
CA THR A 263 -14.14 -5.18 4.52
C THR A 263 -13.85 -4.21 5.66
N ASP A 264 -14.82 -3.35 5.97
CA ASP A 264 -14.64 -2.39 7.05
C ASP A 264 -14.50 -3.14 8.36
N VAL A 265 -15.11 -4.33 8.40
CA VAL A 265 -15.04 -5.20 9.58
C VAL A 265 -13.59 -5.57 9.91
N ALA A 266 -12.94 -6.31 9.00
CA ALA A 266 -11.55 -6.72 9.18
C ALA A 266 -10.72 -5.52 9.56
N LEU A 267 -10.94 -4.39 8.92
CA LEU A 267 -10.19 -3.16 9.21
C LEU A 267 -10.30 -2.83 10.68
N ARG A 268 -11.52 -2.89 11.22
CA ARG A 268 -11.75 -2.63 12.62
C ARG A 268 -11.18 -3.74 13.49
N VAL A 269 -11.20 -4.95 12.93
CA VAL A 269 -10.68 -6.13 13.62
C VAL A 269 -9.18 -5.99 13.89
N ILE A 270 -8.43 -5.63 12.85
CA ILE A 270 -6.98 -5.46 12.98
C ILE A 270 -6.67 -4.39 14.04
N ALA A 271 -7.20 -3.18 13.80
CA ALA A 271 -6.97 -2.06 14.68
C ALA A 271 -7.34 -2.34 16.12
N ASP A 272 -8.51 -2.94 16.34
CA ASP A 272 -8.95 -3.26 17.69
C ASP A 272 -8.04 -4.32 18.30
N HIS A 273 -8.08 -5.50 17.70
CA HIS A 273 -7.26 -6.60 18.18
C HIS A 273 -5.79 -6.20 18.39
N LEU A 274 -5.29 -5.24 17.60
CA LEU A 274 -3.92 -4.79 17.72
C LEU A 274 -3.70 -4.18 19.10
N ARG A 275 -4.67 -3.39 19.56
CA ARG A 275 -4.62 -2.80 20.88
C ARG A 275 -4.66 -3.87 21.97
N ALA A 276 -5.51 -4.86 21.75
CA ALA A 276 -5.70 -5.96 22.65
C ALA A 276 -4.38 -6.69 22.86
N ILE A 277 -3.84 -7.26 21.79
CA ILE A 277 -2.62 -8.04 21.82
C ILE A 277 -1.38 -7.19 22.16
N THR A 278 -1.51 -5.86 22.14
CA THR A 278 -0.37 -4.99 22.46
C THR A 278 -0.20 -4.83 23.96
N PHE A 279 -1.19 -4.21 24.60
CA PHE A 279 -1.18 -4.01 26.04
C PHE A 279 -1.15 -5.36 26.78
N ALA A 280 -1.78 -6.38 26.22
CA ALA A 280 -1.83 -7.69 26.84
C ALA A 280 -0.43 -8.25 27.06
N ILE A 281 0.34 -8.33 25.99
CA ILE A 281 1.69 -8.85 26.07
C ILE A 281 2.58 -7.97 26.91
N SER A 282 2.21 -6.71 27.07
CA SER A 282 3.02 -5.76 27.84
C SER A 282 2.70 -6.05 29.30
N ASP A 283 1.48 -6.46 29.59
CA ASP A 283 1.08 -6.72 30.97
C ASP A 283 1.41 -8.15 31.39
N GLY A 284 2.27 -8.79 30.61
CA GLY A 284 2.68 -10.15 30.93
C GLY A 284 1.95 -11.36 30.39
N VAL A 285 1.51 -11.32 29.13
CA VAL A 285 0.81 -12.48 28.58
C VAL A 285 1.50 -13.00 27.33
N ILE A 286 1.68 -14.32 27.27
CA ILE A 286 2.32 -14.95 26.12
C ILE A 286 1.33 -15.90 25.46
N PRO A 287 1.26 -15.89 24.13
CA PRO A 287 0.35 -16.76 23.40
C PRO A 287 0.55 -18.25 23.76
N SER A 288 -0.41 -18.81 24.48
CA SER A 288 -0.36 -20.23 24.88
C SER A 288 -1.58 -20.95 24.36
N ASN A 289 -2.02 -21.99 25.08
CA ASN A 289 -3.19 -22.75 24.67
C ASN A 289 -4.30 -22.83 25.72
N GLU A 290 -4.27 -21.97 26.72
CA GLU A 290 -5.31 -22.00 27.76
C GLU A 290 -5.44 -20.71 28.56
N GLY A 291 -6.65 -20.48 29.03
CA GLY A 291 -6.94 -19.29 29.83
C GLY A 291 -6.58 -17.97 29.18
N ARG A 292 -5.94 -17.10 29.97
CA ARG A 292 -5.52 -15.79 29.49
C ARG A 292 -4.61 -15.95 28.27
N GLY A 293 -3.57 -16.76 28.45
CA GLY A 293 -2.62 -17.00 27.39
C GLY A 293 -3.24 -17.50 26.11
N TYR A 294 -4.49 -17.93 26.16
CA TYR A 294 -5.16 -18.42 24.96
C TYR A 294 -6.15 -17.39 24.45
N VAL A 295 -6.44 -16.39 25.25
CA VAL A 295 -7.34 -15.30 24.83
C VAL A 295 -6.53 -14.38 23.87
N ILE A 296 -5.27 -14.18 24.18
CA ILE A 296 -4.40 -13.35 23.32
C ILE A 296 -4.20 -14.10 21.99
N ARG A 297 -3.96 -15.40 22.09
CA ARG A 297 -3.76 -16.20 20.88
C ARG A 297 -5.00 -16.18 19.99
N ARG A 298 -6.18 -16.17 20.60
CA ARG A 298 -7.42 -16.14 19.82
C ARG A 298 -7.55 -14.78 19.16
N ILE A 299 -7.29 -13.72 19.92
CA ILE A 299 -7.36 -12.35 19.43
C ILE A 299 -6.32 -12.13 18.33
N LEU A 300 -5.17 -12.78 18.50
CA LEU A 300 -4.08 -12.65 17.54
C LEU A 300 -4.30 -13.53 16.31
N ARG A 301 -5.09 -14.58 16.48
CA ARG A 301 -5.37 -15.49 15.38
C ARG A 301 -6.56 -15.03 14.57
N ARG A 302 -7.43 -14.25 15.20
CA ARG A 302 -8.61 -13.78 14.51
C ARG A 302 -8.18 -12.58 13.64
N ALA A 303 -7.12 -11.89 14.07
CA ALA A 303 -6.59 -10.75 13.33
C ALA A 303 -5.93 -11.37 12.14
N MET A 304 -5.19 -12.45 12.38
CA MET A 304 -4.50 -13.17 11.32
C MET A 304 -5.46 -13.64 10.22
N ARG A 305 -6.66 -14.04 10.62
CA ARG A 305 -7.66 -14.53 9.68
C ARG A 305 -8.26 -13.42 8.81
N PHE A 306 -8.80 -12.37 9.42
CA PHE A 306 -9.38 -11.28 8.67
C PHE A 306 -8.31 -10.63 7.78
N GLY A 307 -7.06 -10.65 8.26
CA GLY A 307 -5.98 -10.07 7.49
C GLY A 307 -5.80 -10.91 6.24
N TYR A 308 -5.86 -12.22 6.43
CA TYR A 308 -5.73 -13.13 5.31
C TYR A 308 -6.95 -13.02 4.40
N LYS A 309 -8.07 -12.65 4.99
CA LYS A 309 -9.31 -12.50 4.23
C LYS A 309 -9.20 -11.25 3.39
N LEU A 310 -8.33 -10.33 3.80
CA LEU A 310 -8.09 -9.10 3.06
C LEU A 310 -7.06 -9.34 1.96
N GLY A 311 -6.36 -10.45 2.06
CA GLY A 311 -5.37 -10.76 1.07
C GLY A 311 -3.96 -10.66 1.55
N ILE A 312 -3.78 -10.14 2.75
CA ILE A 312 -2.46 -9.98 3.35
C ILE A 312 -1.92 -11.37 3.68
N GLU A 313 -1.07 -11.88 2.79
CA GLU A 313 -0.48 -13.19 2.94
C GLU A 313 0.82 -13.28 3.71
N ASN A 314 1.10 -12.28 4.55
CA ASN A 314 2.34 -12.27 5.34
C ASN A 314 2.14 -11.69 6.73
N PRO A 315 3.09 -11.99 7.64
CA PRO A 315 2.96 -11.46 9.00
C PRO A 315 2.90 -9.94 8.89
N PHE A 316 1.89 -9.30 9.48
CA PHE A 316 1.77 -7.84 9.39
C PHE A 316 1.53 -7.19 10.72
N LEU A 317 0.79 -7.86 11.61
CA LEU A 317 0.46 -7.29 12.92
C LEU A 317 1.71 -6.88 13.71
N TYR A 318 2.84 -7.50 13.42
CA TYR A 318 4.04 -7.16 14.14
C TYR A 318 4.51 -5.75 13.84
N LYS A 319 4.04 -5.21 12.71
CA LYS A 319 4.38 -3.86 12.30
C LYS A 319 3.42 -2.91 12.98
N GLY A 320 2.25 -3.44 13.34
CA GLY A 320 1.23 -2.63 13.97
C GLY A 320 1.49 -2.39 15.44
N VAL A 321 2.38 -3.17 16.04
CA VAL A 321 2.72 -2.99 17.46
C VAL A 321 3.41 -1.66 17.71
N ASP A 322 4.24 -1.25 16.76
CA ASP A 322 4.95 0.03 16.86
C ASP A 322 3.96 1.22 16.87
N LEU A 323 3.04 1.21 15.91
CA LEU A 323 2.05 2.28 15.77
C LEU A 323 1.30 2.53 17.08
N VAL A 324 0.91 1.45 17.72
CA VAL A 324 0.18 1.53 18.98
C VAL A 324 1.03 2.18 20.07
N VAL A 325 2.28 1.72 20.20
CA VAL A 325 3.17 2.25 21.23
C VAL A 325 3.36 3.74 21.01
N ASP A 326 3.48 4.10 19.74
CA ASP A 326 3.68 5.49 19.35
C ASP A 326 2.45 6.34 19.66
N ILE A 327 1.26 5.80 19.42
CA ILE A 327 0.02 6.51 19.71
C ILE A 327 -0.31 6.51 21.19
N MET A 328 0.12 5.47 21.89
CA MET A 328 -0.19 5.31 23.31
C MET A 328 0.99 5.52 24.27
N LYS A 329 2.10 6.06 23.77
CA LYS A 329 3.27 6.24 24.63
C LYS A 329 3.16 7.45 25.58
N GLU A 330 2.19 8.30 25.34
CA GLU A 330 2.02 9.47 26.20
C GLU A 330 1.42 9.12 27.55
N PRO A 331 0.24 8.49 27.56
CA PRO A 331 -0.40 8.13 28.84
C PRO A 331 0.24 6.89 29.44
N TYR A 332 0.77 6.04 28.58
CA TYR A 332 1.39 4.79 29.02
C TYR A 332 2.78 4.67 28.38
N PRO A 333 3.75 5.48 28.84
CA PRO A 333 5.10 5.43 28.30
C PRO A 333 5.71 4.03 28.49
N GLU A 334 5.18 3.32 29.48
CA GLU A 334 5.60 1.96 29.81
C GLU A 334 5.73 1.07 28.56
N LEU A 335 4.82 1.25 27.61
CA LEU A 335 4.79 0.46 26.38
C LEU A 335 6.09 0.52 25.59
N GLU A 336 6.72 1.69 25.56
CA GLU A 336 7.95 1.85 24.81
C GLU A 336 8.96 0.77 25.13
N LEU A 337 9.10 0.47 26.41
CA LEU A 337 10.06 -0.53 26.85
C LEU A 337 9.65 -1.92 26.43
N SER A 338 8.34 -2.11 26.27
CA SER A 338 7.81 -3.41 25.84
C SER A 338 7.57 -3.50 24.32
N ARG A 339 7.79 -2.39 23.63
CA ARG A 339 7.58 -2.33 22.18
C ARG A 339 8.31 -3.47 21.44
N GLU A 340 9.62 -3.41 21.42
CA GLU A 340 10.42 -4.43 20.73
C GLU A 340 10.12 -5.80 21.30
N PHE A 341 9.96 -5.89 22.60
CA PHE A 341 9.64 -7.15 23.26
C PHE A 341 8.38 -7.70 22.63
N VAL A 342 7.27 -7.02 22.85
CA VAL A 342 5.99 -7.42 22.30
C VAL A 342 6.02 -7.57 20.77
N LYS A 343 6.93 -6.85 20.10
CA LYS A 343 7.02 -6.93 18.66
C LYS A 343 7.53 -8.31 18.28
N GLY A 344 8.41 -8.87 19.10
CA GLY A 344 8.95 -10.18 18.79
C GLY A 344 7.91 -11.25 18.98
N ILE A 345 6.99 -11.02 19.89
CA ILE A 345 5.93 -11.97 20.21
C ILE A 345 4.89 -12.05 19.11
N VAL A 346 4.27 -10.91 18.79
CA VAL A 346 3.27 -10.86 17.72
C VAL A 346 3.85 -11.37 16.41
N LYS A 347 5.15 -11.19 16.20
CA LYS A 347 5.82 -11.65 14.97
C LYS A 347 6.14 -13.13 15.12
N GLY A 348 6.38 -13.54 16.35
CA GLY A 348 6.68 -14.93 16.61
C GLY A 348 5.48 -15.81 16.36
N GLU A 349 4.32 -15.38 16.83
CA GLU A 349 3.10 -16.15 16.63
C GLU A 349 2.68 -16.26 15.16
N GLU A 350 2.65 -15.12 14.48
CA GLU A 350 2.27 -15.10 13.08
C GLU A 350 3.04 -16.07 12.19
N LYS A 351 4.37 -15.96 12.20
CA LYS A 351 5.19 -16.83 11.36
C LYS A 351 5.02 -18.30 11.76
N ARG A 352 4.49 -18.53 12.95
CA ARG A 352 4.29 -19.89 13.44
C ARG A 352 3.02 -20.52 12.86
N PHE A 353 1.90 -19.83 13.02
CA PHE A 353 0.61 -20.35 12.57
C PHE A 353 0.19 -19.93 11.18
N ILE A 354 0.85 -18.91 10.62
CA ILE A 354 0.48 -18.42 9.27
C ILE A 354 0.26 -19.52 8.20
N LYS A 355 1.26 -20.40 8.05
CA LYS A 355 1.16 -21.51 7.10
C LYS A 355 -0.02 -22.45 7.37
N THR A 356 -0.34 -22.64 8.64
CA THR A 356 -1.45 -23.49 9.03
C THR A 356 -2.76 -22.76 8.82
N LEU A 357 -2.78 -21.49 9.22
CA LEU A 357 -3.97 -20.67 9.08
C LEU A 357 -4.49 -20.67 7.66
N LYS A 358 -3.57 -20.68 6.70
CA LYS A 358 -3.93 -20.69 5.29
C LYS A 358 -4.45 -22.06 4.90
N ALA A 359 -3.60 -23.07 5.03
CA ALA A 359 -4.00 -24.43 4.69
C ALA A 359 -5.35 -24.72 5.25
N GLY A 360 -5.60 -24.25 6.47
CA GLY A 360 -6.88 -24.46 7.10
C GLY A 360 -8.02 -23.76 6.36
N MET A 361 -7.77 -22.51 5.94
CA MET A 361 -8.80 -21.74 5.24
C MET A 361 -9.21 -22.43 3.96
N GLU A 362 -8.31 -23.22 3.40
CA GLU A 362 -8.62 -23.94 2.17
C GLU A 362 -9.42 -25.19 2.50
N TYR A 363 -9.15 -25.76 3.68
CA TYR A 363 -9.87 -26.93 4.16
C TYR A 363 -11.32 -26.57 4.55
N ILE A 364 -11.42 -25.69 5.52
CA ILE A 364 -12.72 -25.26 6.01
C ILE A 364 -13.64 -24.79 4.86
N GLN A 365 -13.19 -23.82 4.08
CA GLN A 365 -13.99 -23.34 2.95
C GLN A 365 -14.36 -24.46 1.99
N GLU A 366 -13.46 -25.45 1.85
CA GLU A 366 -13.71 -26.61 1.00
C GLU A 366 -14.91 -27.45 1.48
N VAL A 367 -15.04 -27.61 2.79
CA VAL A 367 -16.15 -28.39 3.34
C VAL A 367 -17.39 -27.52 3.53
N ILE A 368 -17.32 -26.25 3.13
CA ILE A 368 -18.44 -25.33 3.25
C ILE A 368 -19.34 -25.45 2.04
N GLN A 369 -18.79 -25.19 0.85
CA GLN A 369 -19.56 -25.32 -0.39
C GLN A 369 -19.94 -26.79 -0.57
N LYS A 370 -19.06 -27.67 -0.11
CA LYS A 370 -19.28 -29.10 -0.19
C LYS A 370 -20.51 -29.48 0.61
N ALA A 371 -20.65 -28.87 1.80
CA ALA A 371 -21.78 -29.15 2.68
C ALA A 371 -23.11 -28.61 2.16
N LEU A 372 -23.11 -27.35 1.74
CA LEU A 372 -24.34 -26.71 1.26
C LEU A 372 -24.86 -27.29 -0.04
N GLU A 373 -24.06 -28.14 -0.67
CA GLU A 373 -24.47 -28.79 -1.92
C GLU A 373 -25.32 -29.99 -1.57
N GLU A 374 -24.86 -30.80 -0.61
CA GLU A 374 -25.60 -31.98 -0.18
C GLU A 374 -26.76 -31.60 0.75
N GLY A 375 -27.04 -30.29 0.81
CA GLY A 375 -28.13 -29.80 1.62
C GLY A 375 -27.91 -29.74 3.13
N ARG A 376 -26.67 -29.82 3.58
CA ARG A 376 -26.37 -29.76 5.01
C ARG A 376 -26.35 -28.32 5.50
N LYS A 377 -27.01 -28.09 6.63
CA LYS A 377 -27.11 -26.76 7.21
C LYS A 377 -26.03 -26.50 8.24
N THR A 378 -25.21 -27.52 8.48
CA THR A 378 -24.13 -27.40 9.47
C THR A 378 -22.91 -28.19 9.08
N LEU A 379 -21.81 -27.95 9.79
CA LEU A 379 -20.57 -28.66 9.54
C LEU A 379 -20.53 -29.83 10.52
N SER A 380 -20.08 -30.99 10.03
CA SER A 380 -20.01 -32.19 10.86
C SER A 380 -19.02 -32.05 11.99
N GLY A 381 -19.23 -32.82 13.05
CA GLY A 381 -18.34 -32.79 14.19
C GLY A 381 -16.93 -33.18 13.78
N LYS A 382 -16.83 -34.11 12.82
CA LYS A 382 -15.54 -34.60 12.33
C LYS A 382 -14.91 -33.60 11.38
N GLU A 383 -15.56 -32.45 11.20
CA GLU A 383 -15.03 -31.43 10.31
C GLU A 383 -14.52 -30.23 11.10
N VAL A 384 -15.30 -29.76 12.08
CA VAL A 384 -14.90 -28.62 12.88
C VAL A 384 -13.74 -29.05 13.76
N PHE A 385 -13.66 -30.36 14.02
CA PHE A 385 -12.60 -30.90 14.86
C PHE A 385 -11.28 -30.89 14.11
N THR A 386 -11.31 -31.34 12.86
CA THR A 386 -10.11 -31.38 12.01
C THR A 386 -9.50 -29.98 12.03
N ALA A 387 -10.37 -28.98 11.89
CA ALA A 387 -9.89 -27.60 11.87
C ALA A 387 -9.40 -27.15 13.23
N TYR A 388 -9.88 -27.81 14.29
CA TYR A 388 -9.50 -27.48 15.65
C TYR A 388 -8.17 -28.12 16.04
N ASP A 389 -8.01 -29.37 15.64
CA ASP A 389 -6.79 -30.12 15.91
C ASP A 389 -5.80 -29.99 14.77
N THR A 390 -6.10 -30.67 13.68
CA THR A 390 -5.25 -30.67 12.49
C THR A 390 -4.84 -29.27 12.03
N TYR A 391 -5.53 -28.23 12.52
CA TYR A 391 -5.23 -26.86 12.12
C TYR A 391 -5.13 -25.86 13.27
N GLY A 392 -5.31 -26.32 14.49
CA GLY A 392 -5.21 -25.44 15.66
C GLY A 392 -6.15 -24.25 15.64
N PHE A 393 -7.15 -24.26 14.78
CA PHE A 393 -8.10 -23.15 14.68
C PHE A 393 -9.00 -23.06 15.92
N PRO A 394 -9.15 -21.85 16.50
CA PRO A 394 -10.02 -21.73 17.66
C PRO A 394 -11.43 -22.15 17.23
N VAL A 395 -12.12 -22.85 18.11
CA VAL A 395 -13.47 -23.32 17.78
C VAL A 395 -14.44 -22.15 17.43
N ASP A 396 -14.22 -21.00 18.05
CA ASP A 396 -15.05 -19.82 17.80
C ASP A 396 -14.78 -19.28 16.40
N LEU A 397 -13.51 -19.36 16.00
CA LEU A 397 -13.14 -18.88 14.66
C LEU A 397 -13.72 -19.76 13.55
N ILE A 398 -13.67 -21.07 13.77
CA ILE A 398 -14.22 -22.02 12.81
C ILE A 398 -15.69 -21.67 12.60
N ASP A 399 -16.33 -21.25 13.67
CA ASP A 399 -17.74 -20.88 13.66
C ASP A 399 -18.03 -19.62 12.87
N GLU A 400 -17.14 -18.64 13.01
CA GLU A 400 -17.31 -17.37 12.32
C GLU A 400 -17.04 -17.55 10.84
N ILE A 401 -16.09 -18.43 10.51
CA ILE A 401 -15.69 -18.68 9.13
C ILE A 401 -16.81 -19.41 8.37
N ALA A 402 -17.62 -20.20 9.08
CA ALA A 402 -18.72 -20.93 8.46
C ALA A 402 -20.02 -20.13 8.51
N ARG A 403 -20.17 -19.32 9.55
CA ARG A 403 -21.35 -18.49 9.76
C ARG A 403 -21.57 -17.54 8.61
N GLU A 404 -20.52 -17.30 7.83
CA GLU A 404 -20.59 -16.39 6.68
C GLU A 404 -21.56 -16.94 5.64
N LYS A 405 -21.35 -18.20 5.25
CA LYS A 405 -22.20 -18.86 4.26
C LYS A 405 -23.55 -19.27 4.85
N GLY A 406 -23.81 -18.85 6.09
CA GLY A 406 -25.08 -19.21 6.72
C GLY A 406 -25.04 -20.60 7.38
N LEU A 407 -23.96 -21.33 7.16
CA LEU A 407 -23.80 -22.66 7.73
C LEU A 407 -23.52 -22.53 9.22
N GLY A 408 -23.78 -23.62 9.95
CA GLY A 408 -23.52 -23.65 11.38
C GLY A 408 -22.59 -24.81 11.64
N ILE A 409 -22.54 -25.27 12.88
CA ILE A 409 -21.69 -26.39 13.24
C ILE A 409 -22.40 -27.24 14.30
N ASP A 410 -22.78 -28.45 13.91
CA ASP A 410 -23.47 -29.37 14.80
C ASP A 410 -22.68 -29.51 16.09
N LEU A 411 -23.17 -28.83 17.13
CA LEU A 411 -22.54 -28.81 18.44
C LEU A 411 -22.36 -30.22 19.01
N GLU A 412 -23.45 -30.98 19.02
CA GLU A 412 -23.43 -32.34 19.54
C GLU A 412 -22.32 -33.17 18.86
N GLY A 413 -22.16 -32.96 17.56
CA GLY A 413 -21.15 -33.69 16.82
C GLY A 413 -19.79 -33.37 17.38
N PHE A 414 -19.52 -32.09 17.57
CA PHE A 414 -18.25 -31.64 18.13
C PHE A 414 -18.14 -32.20 19.55
N GLN A 415 -19.28 -32.33 20.20
CA GLN A 415 -19.35 -32.85 21.56
C GLN A 415 -18.91 -34.31 21.59
N CYS A 416 -19.61 -35.15 20.83
CA CYS A 416 -19.28 -36.56 20.76
C CYS A 416 -17.85 -36.75 20.26
N GLU A 417 -17.47 -35.95 19.28
CA GLU A 417 -16.13 -36.06 18.71
C GLU A 417 -15.06 -35.79 19.76
N LEU A 418 -15.36 -34.90 20.69
CA LEU A 418 -14.42 -34.58 21.75
C LEU A 418 -14.28 -35.76 22.73
N GLU A 419 -15.38 -36.48 22.94
CA GLU A 419 -15.36 -37.63 23.83
C GLU A 419 -14.67 -38.78 23.11
N GLU A 420 -14.80 -38.79 21.78
CA GLU A 420 -14.22 -39.83 20.94
C GLU A 420 -12.71 -39.69 20.90
N GLN A 421 -12.18 -38.68 21.57
CA GLN A 421 -10.75 -38.44 21.59
C GLN A 421 -10.24 -38.52 23.02
N ARG A 422 -11.10 -38.21 23.97
CA ARG A 422 -10.73 -38.26 25.37
C ARG A 422 -10.81 -39.72 25.83
N GLU A 423 -11.50 -40.53 25.04
CA GLU A 423 -11.63 -41.95 25.34
C GLU A 423 -10.63 -42.69 24.45
N ARG A 424 -10.34 -42.13 23.28
CA ARG A 424 -9.42 -42.72 22.34
C ARG A 424 -8.00 -42.47 22.80
N ALA A 425 -7.65 -41.20 23.00
CA ALA A 425 -6.33 -40.83 23.47
C ALA A 425 -6.06 -41.56 24.78
N ARG A 426 -7.12 -41.76 25.57
CA ARG A 426 -7.03 -42.44 26.85
C ARG A 426 -7.30 -43.94 26.77
N LYS A 427 -6.96 -44.55 25.63
CA LYS A 427 -7.15 -45.98 25.46
C LYS A 427 -6.19 -46.63 24.47
N HIS A 428 -5.90 -45.94 23.36
CA HIS A 428 -5.01 -46.50 22.35
C HIS A 428 -3.61 -45.91 22.45
N PRO A 438 -1.78 -27.08 32.05
CA PRO A 438 -2.76 -28.14 31.72
C PRO A 438 -4.19 -27.77 32.10
N VAL A 439 -5.14 -28.35 31.37
CA VAL A 439 -6.57 -28.09 31.60
C VAL A 439 -7.38 -29.39 31.75
N TYR A 440 -8.16 -29.47 32.82
CA TYR A 440 -9.01 -30.62 33.06
C TYR A 440 -10.45 -30.25 32.74
N SER A 441 -11.15 -31.11 32.01
CA SER A 441 -12.53 -30.82 31.65
C SER A 441 -13.46 -32.01 31.87
N HIS A 442 -14.67 -31.73 32.33
CA HIS A 442 -15.68 -32.76 32.57
C HIS A 442 -16.12 -33.34 31.23
N LEU A 443 -17.08 -34.27 31.30
CA LEU A 443 -17.63 -34.87 30.10
C LEU A 443 -18.99 -34.17 29.95
N LYS A 444 -19.44 -33.98 28.72
CA LYS A 444 -20.69 -33.31 28.43
C LYS A 444 -20.48 -31.81 28.68
N GLU A 445 -19.38 -31.50 29.37
CA GLU A 445 -19.01 -30.13 29.69
C GLU A 445 -17.77 -29.74 28.89
N LEU A 446 -17.45 -30.59 27.92
CA LEU A 446 -16.33 -30.34 27.05
C LEU A 446 -16.54 -29.12 26.17
N GLY A 447 -17.79 -28.89 25.76
CA GLY A 447 -18.10 -27.76 24.90
C GLY A 447 -18.14 -26.43 25.61
N LYS A 448 -18.15 -26.47 26.94
CA LYS A 448 -18.18 -25.25 27.72
C LYS A 448 -16.75 -24.80 28.03
N THR A 449 -15.78 -25.58 27.53
CA THR A 449 -14.38 -25.29 27.75
C THR A 449 -13.58 -25.34 26.44
N SER A 450 -14.11 -26.05 25.45
CA SER A 450 -13.44 -26.21 24.16
C SER A 450 -13.36 -24.89 23.41
N ALA A 451 -14.16 -23.91 23.81
CA ALA A 451 -14.15 -22.60 23.16
C ALA A 451 -13.24 -21.62 23.92
N PHE A 452 -12.54 -22.10 24.93
CA PHE A 452 -11.66 -21.26 25.71
C PHE A 452 -10.27 -21.85 25.89
N VAL A 453 -10.08 -23.09 25.45
CA VAL A 453 -8.79 -23.77 25.57
C VAL A 453 -8.43 -24.51 24.29
N GLY A 454 -7.16 -24.46 23.91
CA GLY A 454 -6.73 -25.13 22.69
C GLY A 454 -6.73 -26.64 22.81
N ALA A 455 -6.71 -27.32 21.68
CA ALA A 455 -6.69 -28.78 21.65
C ALA A 455 -5.47 -29.32 22.41
N ALA A 456 -4.34 -28.65 22.22
CA ALA A 456 -3.09 -29.03 22.88
C ALA A 456 -3.10 -28.86 24.40
N ALA A 457 -4.11 -28.15 24.92
CA ALA A 457 -4.19 -27.91 26.35
C ALA A 457 -5.45 -28.54 26.95
N LEU A 458 -6.48 -28.67 26.12
CA LEU A 458 -7.73 -29.28 26.54
C LEU A 458 -7.54 -30.72 26.97
N SER B 2 28.46 22.19 -39.33
CA SER B 2 27.12 21.68 -38.92
C SER B 2 27.15 20.16 -38.84
N LEU B 3 27.68 19.55 -39.89
CA LEU B 3 27.80 18.09 -39.94
C LEU B 3 26.42 17.44 -40.01
N SER B 4 26.36 16.28 -40.67
CA SER B 4 25.10 15.55 -40.74
C SER B 4 25.12 14.54 -39.60
N ALA B 5 24.01 13.87 -39.35
CA ALA B 5 23.95 12.86 -38.29
C ALA B 5 25.08 11.86 -38.50
N HIS B 6 25.38 11.58 -39.77
CA HIS B 6 26.45 10.64 -40.12
C HIS B 6 27.81 11.23 -39.83
N GLU B 7 27.97 12.52 -40.12
CA GLU B 7 29.22 13.23 -39.87
C GLU B 7 29.50 13.20 -38.38
N ILE B 8 28.55 13.72 -37.61
CA ILE B 8 28.65 13.79 -36.15
C ILE B 8 28.89 12.40 -35.56
N ARG B 9 28.46 11.36 -36.28
CA ARG B 9 28.61 10.00 -35.82
C ARG B 9 30.03 9.49 -36.12
N GLU B 10 30.43 9.61 -37.37
CA GLU B 10 31.77 9.17 -37.78
C GLU B 10 32.84 9.97 -37.05
N LEU B 11 32.55 11.24 -36.82
CA LEU B 11 33.48 12.15 -36.14
C LEU B 11 33.66 11.70 -34.70
N PHE B 12 32.92 10.65 -34.33
CA PHE B 12 32.93 10.09 -32.99
C PHE B 12 33.61 8.73 -33.03
N LEU B 13 32.99 7.81 -33.77
CA LEU B 13 33.50 6.46 -33.92
C LEU B 13 34.95 6.40 -34.40
N SER B 14 35.49 7.54 -34.82
CA SER B 14 36.87 7.57 -35.29
C SER B 14 37.73 8.42 -34.36
N PHE B 15 37.13 9.42 -33.74
CA PHE B 15 37.82 10.32 -32.82
C PHE B 15 38.31 9.56 -31.58
N PHE B 16 37.77 8.36 -31.37
CA PHE B 16 38.16 7.55 -30.24
C PHE B 16 39.03 6.35 -30.59
N GLU B 17 38.87 5.83 -31.81
CA GLU B 17 39.69 4.71 -32.24
C GLU B 17 41.12 5.23 -32.38
N LYS B 18 41.20 6.54 -32.56
CA LYS B 18 42.48 7.22 -32.71
C LYS B 18 43.15 7.32 -31.37
N LYS B 19 42.38 7.08 -30.31
CA LYS B 19 42.88 7.15 -28.94
C LYS B 19 43.24 5.76 -28.44
N GLY B 20 42.82 4.75 -29.19
CA GLY B 20 43.11 3.38 -28.81
C GLY B 20 41.88 2.56 -28.47
N HIS B 21 40.74 2.91 -29.06
CA HIS B 21 39.50 2.21 -28.79
C HIS B 21 39.18 1.23 -29.92
N THR B 22 38.41 0.21 -29.59
CA THR B 22 38.01 -0.79 -30.56
C THR B 22 36.57 -0.58 -30.99
N ARG B 23 36.36 -0.20 -32.24
CA ARG B 23 35.03 0.06 -32.76
C ARG B 23 34.27 -1.25 -32.78
N VAL B 24 33.41 -1.46 -31.79
CA VAL B 24 32.64 -2.69 -31.69
C VAL B 24 31.31 -2.57 -32.42
N LYS B 25 31.03 -3.54 -33.28
CA LYS B 25 29.77 -3.55 -34.04
C LYS B 25 28.57 -3.48 -33.12
N SER B 26 27.66 -2.54 -33.38
CA SER B 26 26.47 -2.35 -32.58
C SER B 26 25.66 -3.62 -32.50
N ALA B 27 25.68 -4.25 -31.33
CA ALA B 27 24.96 -5.49 -31.11
C ALA B 27 23.52 -5.28 -31.54
N PRO B 28 22.87 -6.32 -32.09
CA PRO B 28 21.48 -6.15 -32.51
C PRO B 28 20.58 -5.83 -31.34
N LEU B 29 19.52 -5.08 -31.60
CA LEU B 29 18.56 -4.70 -30.57
C LEU B 29 18.22 -5.86 -29.62
N VAL B 30 18.08 -7.06 -30.18
CA VAL B 30 17.75 -8.24 -29.40
C VAL B 30 19.03 -8.96 -28.96
N PRO B 31 19.27 -9.01 -27.64
CA PRO B 31 20.45 -9.67 -27.08
C PRO B 31 20.46 -11.19 -27.33
N GLU B 32 21.65 -11.77 -27.43
CA GLU B 32 21.80 -13.19 -27.68
C GLU B 32 20.92 -13.99 -26.71
N ASN B 33 21.40 -14.16 -25.48
CA ASN B 33 20.64 -14.91 -24.51
C ASN B 33 20.44 -14.16 -23.20
N ASP B 34 19.37 -13.39 -23.12
CA ASP B 34 19.01 -12.61 -21.93
C ASP B 34 17.54 -12.23 -22.06
N PRO B 35 16.65 -13.16 -21.67
CA PRO B 35 15.20 -12.97 -21.76
C PRO B 35 14.63 -11.96 -20.78
N THR B 36 15.49 -11.33 -19.99
CA THR B 36 15.03 -10.34 -19.00
C THR B 36 15.21 -8.90 -19.49
N LEU B 37 16.10 -8.70 -20.45
CA LEU B 37 16.37 -7.36 -20.97
C LEU B 37 15.94 -7.29 -22.43
N LEU B 38 14.70 -6.85 -22.62
CA LEU B 38 14.14 -6.73 -23.96
C LEU B 38 15.11 -6.22 -25.01
N PHE B 39 15.37 -4.91 -25.01
CA PHE B 39 16.28 -4.30 -25.98
C PHE B 39 17.48 -3.71 -25.31
N VAL B 40 18.49 -3.34 -26.09
CA VAL B 40 19.68 -2.68 -25.59
C VAL B 40 19.32 -1.19 -25.43
N ASN B 41 19.22 -0.72 -24.20
CA ASN B 41 18.84 0.66 -23.93
C ASN B 41 20.02 1.61 -23.78
N ALA B 42 21.23 1.07 -23.68
CA ALA B 42 22.41 1.91 -23.55
C ALA B 42 23.59 1.17 -24.21
N GLY B 43 24.56 1.95 -24.68
CA GLY B 43 25.71 1.34 -25.34
C GLY B 43 26.55 0.40 -24.48
N MET B 44 26.26 0.31 -23.19
CA MET B 44 27.04 -0.56 -22.31
C MET B 44 26.43 -1.94 -22.07
N VAL B 45 25.21 -2.13 -22.53
CA VAL B 45 24.53 -3.40 -22.34
C VAL B 45 25.30 -4.60 -22.88
N PRO B 46 25.68 -4.54 -24.17
CA PRO B 46 26.41 -5.63 -24.82
C PRO B 46 27.81 -5.86 -24.29
N PHE B 47 28.18 -5.12 -23.26
CA PHE B 47 29.53 -5.25 -22.68
C PHE B 47 29.43 -5.38 -21.17
N LYS B 48 28.24 -5.70 -20.69
CA LYS B 48 28.04 -5.82 -19.26
C LYS B 48 28.91 -6.92 -18.66
N ASN B 49 28.77 -8.14 -19.17
CA ASN B 49 29.53 -9.29 -18.69
C ASN B 49 31.04 -8.99 -18.74
N VAL B 50 31.47 -8.31 -19.80
CA VAL B 50 32.87 -7.97 -19.95
C VAL B 50 33.25 -6.94 -18.90
N PHE B 51 32.27 -6.14 -18.48
CA PHE B 51 32.48 -5.10 -17.48
C PHE B 51 32.56 -5.72 -16.08
N LEU B 52 32.10 -6.96 -15.97
CA LEU B 52 32.12 -7.67 -14.70
C LEU B 52 33.28 -8.66 -14.62
N GLY B 53 33.86 -8.98 -15.77
CA GLY B 53 34.97 -9.91 -15.80
C GLY B 53 34.64 -11.31 -16.28
N LEU B 54 33.35 -11.59 -16.41
CA LEU B 54 32.92 -12.91 -16.84
C LEU B 54 33.53 -13.34 -18.16
N GLU B 55 33.06 -12.74 -19.25
CA GLU B 55 33.56 -13.09 -20.57
C GLU B 55 34.84 -12.37 -20.90
N LYS B 56 35.92 -13.11 -21.08
CA LYS B 56 37.20 -12.49 -21.42
C LYS B 56 37.07 -11.76 -22.73
N ARG B 57 37.87 -10.71 -22.91
CA ARG B 57 37.83 -9.93 -24.15
C ARG B 57 39.25 -9.62 -24.62
N PRO B 58 39.49 -9.73 -25.93
CA PRO B 58 40.82 -9.46 -26.49
C PRO B 58 41.27 -8.04 -26.23
N TYR B 59 40.61 -7.10 -26.91
CA TYR B 59 40.90 -5.68 -26.76
C TYR B 59 40.73 -5.17 -25.32
N LYS B 60 41.47 -4.11 -24.99
CA LYS B 60 41.42 -3.51 -23.66
C LYS B 60 40.34 -2.47 -23.56
N ARG B 61 40.19 -1.66 -24.60
CA ARG B 61 39.18 -0.60 -24.63
C ARG B 61 38.08 -0.95 -25.63
N ALA B 62 37.18 0.01 -25.86
CA ALA B 62 36.07 -0.19 -26.79
C ALA B 62 35.45 1.14 -27.21
N THR B 63 34.41 1.06 -28.03
CA THR B 63 33.70 2.24 -28.53
C THR B 63 32.60 1.78 -29.49
N SER B 64 31.46 2.47 -29.45
CA SER B 64 30.35 2.06 -30.31
C SER B 64 29.32 3.15 -30.58
N CYS B 65 28.38 2.79 -31.46
CA CYS B 65 27.28 3.66 -31.87
C CYS B 65 26.10 2.71 -31.90
N GLN B 66 25.81 2.11 -30.75
CA GLN B 66 24.75 1.14 -30.57
C GLN B 66 23.34 1.65 -30.86
N LYS B 67 22.49 0.73 -31.30
CA LYS B 67 21.10 1.04 -31.61
C LYS B 67 20.40 0.86 -30.28
N CYS B 68 19.90 1.96 -29.73
CA CYS B 68 19.23 1.92 -28.44
C CYS B 68 17.74 2.15 -28.47
N LEU B 69 17.03 1.31 -27.72
CA LEU B 69 15.57 1.40 -27.61
C LEU B 69 15.21 1.53 -26.13
N ARG B 70 14.14 2.29 -25.84
CA ARG B 70 13.69 2.48 -24.48
C ARG B 70 12.18 2.41 -24.41
N VAL B 71 11.66 1.19 -24.23
CA VAL B 71 10.22 0.99 -24.15
C VAL B 71 9.80 0.00 -23.06
N SER B 72 10.67 -0.24 -22.07
CA SER B 72 10.33 -1.17 -21.00
C SER B 72 11.23 -1.03 -19.78
N GLY B 73 10.70 -1.39 -18.62
CA GLY B 73 11.46 -1.31 -17.40
C GLY B 73 11.58 0.06 -16.78
N LYS B 74 12.69 0.27 -16.09
CA LYS B 74 13.00 1.54 -15.43
C LYS B 74 13.54 2.57 -16.42
N HIS B 75 13.58 2.19 -17.70
CA HIS B 75 14.08 3.04 -18.75
C HIS B 75 13.04 3.13 -19.86
N ASN B 76 11.78 3.11 -19.46
CA ASN B 76 10.66 3.18 -20.40
C ASN B 76 10.27 4.62 -20.68
N ASP B 77 10.24 4.99 -21.96
CA ASP B 77 9.85 6.33 -22.37
C ASP B 77 8.77 6.30 -23.48
N LEU B 78 8.18 5.13 -23.66
CA LEU B 78 7.14 4.98 -24.67
C LEU B 78 6.08 6.09 -24.60
N GLU B 79 5.21 6.02 -23.60
CA GLU B 79 4.12 6.97 -23.45
C GLU B 79 4.53 8.45 -23.47
N GLN B 80 5.81 8.73 -23.26
CA GLN B 80 6.31 10.10 -23.25
C GLN B 80 6.80 10.59 -24.60
N VAL B 81 7.10 9.67 -25.50
CA VAL B 81 7.61 10.02 -26.83
C VAL B 81 6.56 10.70 -27.69
N GLY B 82 6.98 11.76 -28.39
CA GLY B 82 6.10 12.50 -29.27
C GLY B 82 5.57 13.78 -28.63
N TYR B 83 5.41 13.76 -27.30
CA TYR B 83 4.93 14.92 -26.54
C TYR B 83 6.02 15.95 -26.29
N THR B 84 7.26 15.50 -26.19
CA THR B 84 8.39 16.39 -25.96
C THR B 84 9.30 16.49 -27.19
N SER B 85 10.44 17.16 -27.05
CA SER B 85 11.37 17.30 -28.17
C SER B 85 12.71 16.58 -27.89
N ARG B 86 12.70 15.59 -27.02
CA ARG B 86 13.92 14.88 -26.68
C ARG B 86 13.67 13.38 -26.46
N HIS B 87 12.47 13.00 -26.04
CA HIS B 87 12.15 11.58 -25.80
C HIS B 87 11.90 10.79 -27.08
N HIS B 88 12.75 9.79 -27.33
CA HIS B 88 12.65 8.94 -28.50
C HIS B 88 12.41 7.52 -28.05
N THR B 89 11.81 6.71 -28.92
CA THR B 89 11.58 5.31 -28.60
C THR B 89 12.86 4.62 -29.05
N PHE B 90 13.30 4.93 -30.27
CA PHE B 90 14.54 4.40 -30.84
C PHE B 90 15.53 5.55 -30.94
N PHE B 91 16.79 5.26 -30.66
CA PHE B 91 17.80 6.31 -30.74
C PHE B 91 19.19 5.71 -30.77
N GLU B 92 20.16 6.48 -31.24
CA GLU B 92 21.55 6.02 -31.33
C GLU B 92 22.41 6.59 -30.22
N MET B 93 23.19 5.71 -29.58
CA MET B 93 24.04 6.13 -28.48
C MET B 93 25.51 6.01 -28.85
N LEU B 94 26.28 7.06 -28.55
CA LEU B 94 27.72 7.13 -28.80
C LEU B 94 28.49 7.14 -27.47
N GLY B 95 29.63 6.44 -27.42
CA GLY B 95 30.39 6.42 -26.18
C GLY B 95 31.74 5.72 -26.23
N ASN B 96 32.44 5.81 -25.11
CA ASN B 96 33.76 5.19 -24.97
C ASN B 96 33.70 4.26 -23.75
N PHE B 97 34.36 3.11 -23.83
CA PHE B 97 34.30 2.15 -22.72
C PHE B 97 35.67 1.59 -22.35
N SER B 98 35.93 1.48 -21.05
CA SER B 98 37.17 0.93 -20.54
C SER B 98 36.86 -0.15 -19.52
N PHE B 99 37.52 -1.30 -19.67
CA PHE B 99 37.32 -2.42 -18.75
C PHE B 99 38.30 -2.35 -17.59
N GLY B 100 39.11 -1.29 -17.58
CA GLY B 100 40.08 -1.11 -16.52
C GLY B 100 41.34 -0.47 -17.05
N ASP B 101 41.17 0.55 -17.89
CA ASP B 101 42.31 1.25 -18.48
C ASP B 101 42.36 2.70 -18.04
N TYR B 102 41.62 3.55 -18.74
CA TYR B 102 41.58 4.98 -18.42
C TYR B 102 40.42 5.28 -17.48
N PHE B 103 40.53 6.37 -16.71
CA PHE B 103 39.48 6.69 -15.75
C PHE B 103 38.94 8.13 -15.83
N LYS B 104 38.49 8.65 -14.68
CA LYS B 104 37.92 10.00 -14.59
C LYS B 104 38.68 11.04 -15.37
N LYS B 105 39.99 11.03 -15.27
CA LYS B 105 40.83 12.01 -15.98
C LYS B 105 40.62 11.87 -17.48
N GLU B 106 41.01 10.73 -18.03
CA GLU B 106 40.87 10.48 -19.47
C GLU B 106 39.42 10.54 -19.94
N ALA B 107 38.49 10.11 -19.09
CA ALA B 107 37.08 10.12 -19.43
C ALA B 107 36.65 11.54 -19.77
N ILE B 108 36.84 12.44 -18.81
CA ILE B 108 36.47 13.83 -18.96
C ILE B 108 37.16 14.48 -20.17
N GLU B 109 38.39 14.03 -20.45
CA GLU B 109 39.15 14.59 -21.57
C GLU B 109 38.62 14.05 -22.89
N TYR B 110 37.91 12.93 -22.84
CA TYR B 110 37.33 12.35 -24.04
C TYR B 110 35.98 12.96 -24.41
N ALA B 111 35.51 13.92 -23.61
CA ALA B 111 34.24 14.58 -23.88
C ALA B 111 34.42 16.06 -24.24
N TRP B 112 35.04 16.80 -23.33
CA TRP B 112 35.27 18.22 -23.55
C TRP B 112 36.11 18.44 -24.81
N GLU B 113 37.18 17.66 -24.97
CA GLU B 113 38.04 17.79 -26.14
C GLU B 113 37.19 17.61 -27.39
N PHE B 114 36.12 16.82 -27.26
CA PHE B 114 35.24 16.56 -28.39
C PHE B 114 34.19 17.67 -28.58
N VAL B 115 33.92 18.42 -27.51
CA VAL B 115 32.92 19.47 -27.60
C VAL B 115 33.46 20.82 -28.06
N THR B 116 34.71 21.10 -27.73
CA THR B 116 35.33 22.38 -28.11
C THR B 116 36.39 22.24 -29.21
N GLU B 117 37.19 21.18 -29.16
CA GLU B 117 38.23 20.96 -30.15
C GLU B 117 37.74 20.27 -31.42
N VAL B 118 36.56 19.66 -31.36
CA VAL B 118 36.03 18.96 -32.52
C VAL B 118 34.76 19.64 -33.07
N LEU B 119 33.69 19.61 -32.29
CA LEU B 119 32.42 20.20 -32.70
C LEU B 119 32.52 21.72 -32.56
N LYS B 120 33.43 22.14 -31.68
CA LYS B 120 33.66 23.57 -31.42
C LYS B 120 32.45 24.33 -30.90
N LEU B 121 31.91 23.89 -29.77
CA LEU B 121 30.77 24.55 -29.15
C LEU B 121 31.31 25.54 -28.11
N PRO B 122 30.67 26.71 -27.99
CA PRO B 122 31.10 27.72 -27.03
C PRO B 122 31.10 27.20 -25.59
N LYS B 123 32.28 27.12 -24.99
CA LYS B 123 32.41 26.65 -23.62
C LYS B 123 31.62 27.50 -22.60
N GLU B 124 31.32 28.73 -22.96
CA GLU B 124 30.58 29.62 -22.07
C GLU B 124 29.09 29.28 -22.06
N LYS B 125 28.71 28.27 -22.84
CA LYS B 125 27.31 27.82 -22.92
C LYS B 125 27.28 26.33 -22.58
N LEU B 126 28.34 25.86 -21.93
CA LEU B 126 28.43 24.45 -21.54
C LEU B 126 28.33 24.30 -20.02
N TYR B 127 27.67 23.22 -19.58
CA TYR B 127 27.49 23.00 -18.16
C TYR B 127 27.78 21.56 -17.75
N VAL B 128 28.12 21.38 -16.49
CA VAL B 128 28.44 20.07 -15.94
C VAL B 128 27.69 19.78 -14.64
N SER B 129 27.81 18.55 -14.13
CA SER B 129 27.16 18.16 -12.90
C SER B 129 27.77 16.87 -12.35
N VAL B 130 28.42 16.97 -11.19
CA VAL B 130 29.05 15.80 -10.58
C VAL B 130 28.34 15.44 -9.31
N TYR B 131 28.61 14.24 -8.80
CA TYR B 131 27.99 13.77 -7.55
C TYR B 131 28.54 14.61 -6.41
N LYS B 132 27.63 15.16 -5.61
CA LYS B 132 28.02 16.00 -4.47
C LYS B 132 29.18 15.42 -3.64
N ASP B 133 29.08 14.15 -3.25
CA ASP B 133 30.15 13.52 -2.45
C ASP B 133 31.33 13.06 -3.30
N ASP B 134 31.60 13.78 -4.39
CA ASP B 134 32.72 13.45 -5.28
C ASP B 134 33.51 14.72 -5.60
N GLU B 135 34.47 15.04 -4.72
CA GLU B 135 35.30 16.21 -4.87
C GLU B 135 36.37 15.97 -5.93
N GLU B 136 36.44 14.74 -6.44
CA GLU B 136 37.43 14.39 -7.46
C GLU B 136 37.04 15.01 -8.80
N ALA B 137 35.94 14.51 -9.36
CA ALA B 137 35.46 15.01 -10.65
C ALA B 137 35.25 16.51 -10.58
N TYR B 138 34.68 16.98 -9.47
CA TYR B 138 34.44 18.41 -9.28
C TYR B 138 35.72 19.19 -9.47
N ARG B 139 36.83 18.58 -9.07
CA ARG B 139 38.14 19.21 -9.15
C ARG B 139 38.72 19.09 -10.56
N ILE B 140 38.49 17.96 -11.22
CA ILE B 140 38.98 17.75 -12.58
C ILE B 140 38.38 18.76 -13.57
N TRP B 141 37.21 19.27 -13.23
CA TRP B 141 36.53 20.26 -14.07
C TRP B 141 36.88 21.66 -13.59
N ASN B 142 37.12 21.79 -12.29
CA ASN B 142 37.42 23.06 -11.66
C ASN B 142 38.82 23.62 -11.92
N GLU B 143 39.79 22.75 -12.18
CA GLU B 143 41.15 23.20 -12.41
C GLU B 143 41.81 22.59 -13.65
N HIS B 144 41.69 21.28 -13.80
CA HIS B 144 42.28 20.59 -14.96
C HIS B 144 41.78 21.21 -16.28
N ILE B 145 40.60 20.79 -16.72
CA ILE B 145 40.03 21.31 -17.94
C ILE B 145 39.87 22.81 -17.80
N GLY B 146 39.52 23.25 -16.59
CA GLY B 146 39.34 24.67 -16.32
C GLY B 146 37.93 25.20 -16.50
N ILE B 147 37.08 25.02 -15.48
CA ILE B 147 35.71 25.49 -15.55
C ILE B 147 35.43 26.29 -14.29
N PRO B 148 34.81 27.46 -14.42
CA PRO B 148 34.52 28.27 -13.23
C PRO B 148 33.55 27.51 -12.32
N SER B 149 33.54 27.85 -11.03
CA SER B 149 32.63 27.19 -10.10
C SER B 149 31.20 27.77 -10.18
N GLU B 150 30.86 28.38 -11.31
CA GLU B 150 29.54 28.97 -11.50
C GLU B 150 28.69 28.20 -12.50
N ARG B 151 29.30 27.23 -13.17
CA ARG B 151 28.54 26.41 -14.13
C ARG B 151 28.69 24.91 -13.84
N ILE B 152 28.90 24.59 -12.58
CA ILE B 152 29.06 23.21 -12.13
C ILE B 152 27.99 22.93 -11.10
N TRP B 153 27.12 21.97 -11.38
CA TRP B 153 26.04 21.64 -10.47
C TRP B 153 26.21 20.31 -9.76
N ARG B 154 26.73 20.36 -8.54
CA ARG B 154 26.89 19.16 -7.76
C ARG B 154 25.51 18.63 -7.38
N LEU B 155 24.98 17.77 -8.24
CA LEU B 155 23.66 17.19 -8.06
C LEU B 155 23.62 16.17 -6.94
N GLY B 156 22.53 15.43 -6.85
CA GLY B 156 22.37 14.44 -5.80
C GLY B 156 22.47 12.97 -6.17
N GLU B 157 21.91 12.15 -5.29
CA GLU B 157 21.94 10.71 -5.44
C GLU B 157 21.18 10.17 -6.64
N GLU B 158 20.01 10.75 -6.91
CA GLU B 158 19.14 10.32 -8.00
C GLU B 158 19.50 10.95 -9.34
N ASP B 159 20.39 11.93 -9.31
CA ASP B 159 20.84 12.60 -10.51
C ASP B 159 22.28 12.28 -10.90
N ASN B 160 23.15 12.05 -9.91
CA ASN B 160 24.57 11.81 -10.19
C ASN B 160 25.19 10.54 -9.62
N PHE B 161 24.39 9.53 -9.32
CA PHE B 161 24.96 8.28 -8.84
C PHE B 161 24.37 7.11 -9.60
N TRP B 162 25.22 6.44 -10.36
CA TRP B 162 24.81 5.31 -11.19
C TRP B 162 25.00 3.96 -10.51
N GLN B 163 24.34 2.94 -11.06
CA GLN B 163 24.42 1.58 -10.52
C GLN B 163 24.13 0.59 -11.64
N MET B 164 23.85 -0.66 -11.25
CA MET B 164 23.55 -1.71 -12.21
C MET B 164 22.49 -2.67 -11.66
N GLY B 165 21.24 -2.25 -11.71
CA GLY B 165 20.15 -3.08 -11.21
C GLY B 165 19.90 -2.81 -9.74
N ASP B 166 20.51 -3.61 -8.88
CA ASP B 166 20.33 -3.43 -7.44
C ASP B 166 21.64 -3.73 -6.69
N VAL B 167 22.50 -4.55 -7.30
CA VAL B 167 23.78 -4.93 -6.73
C VAL B 167 24.80 -4.99 -7.86
N GLY B 168 25.97 -4.41 -7.61
CA GLY B 168 27.00 -4.44 -8.63
C GLY B 168 27.78 -3.15 -8.79
N PRO B 169 28.80 -3.12 -9.66
CA PRO B 169 29.64 -1.94 -9.91
C PRO B 169 28.83 -0.66 -10.13
N CYS B 170 28.98 0.28 -9.21
CA CYS B 170 28.30 1.56 -9.29
C CYS B 170 29.32 2.69 -9.11
N GLY B 171 28.82 3.92 -8.99
CA GLY B 171 29.69 5.06 -8.80
C GLY B 171 29.10 6.38 -9.25
N PRO B 172 29.88 7.46 -9.16
CA PRO B 172 29.45 8.81 -9.56
C PRO B 172 29.16 8.95 -11.06
N SER B 173 28.63 10.11 -11.42
CA SER B 173 28.27 10.41 -12.82
C SER B 173 28.65 11.84 -13.12
N SER B 174 28.36 12.27 -14.34
CA SER B 174 28.67 13.63 -14.76
C SER B 174 28.12 13.86 -16.16
N GLU B 175 27.47 15.02 -16.35
CA GLU B 175 26.85 15.34 -17.64
C GLU B 175 27.19 16.73 -18.11
N ILE B 176 27.10 16.95 -19.42
CA ILE B 176 27.40 18.25 -20.03
C ILE B 176 26.12 18.83 -20.59
N TYR B 177 25.80 20.05 -20.18
CA TYR B 177 24.57 20.70 -20.62
C TYR B 177 24.85 21.86 -21.57
N VAL B 178 24.16 21.86 -22.70
CA VAL B 178 24.31 22.91 -23.67
C VAL B 178 23.24 23.96 -23.39
N ASP B 179 23.67 25.14 -22.96
CA ASP B 179 22.72 26.22 -22.68
C ASP B 179 22.18 26.75 -24.01
N ARG B 180 21.19 26.03 -24.55
CA ARG B 180 20.55 26.36 -25.81
C ARG B 180 20.23 27.84 -26.03
N GLY B 181 20.13 28.62 -24.97
CA GLY B 181 19.85 30.04 -25.14
C GLY B 181 19.05 30.69 -24.04
N GLU B 182 18.53 31.88 -24.32
CA GLU B 182 17.74 32.64 -23.34
C GLU B 182 16.27 32.70 -23.69
N GLU B 183 15.72 31.63 -24.23
CA GLU B 183 14.31 31.61 -24.60
C GLU B 183 13.62 30.29 -24.22
N TYR B 184 14.33 29.47 -23.45
CA TYR B 184 13.80 28.16 -23.05
C TYR B 184 13.63 28.01 -21.55
N GLU B 185 12.59 27.29 -21.18
CA GLU B 185 12.27 27.05 -19.77
C GLU B 185 12.70 25.65 -19.30
N GLY B 186 13.20 25.57 -18.07
CA GLY B 186 13.61 24.28 -17.53
C GLY B 186 14.86 23.63 -18.09
N ASP B 187 14.90 22.31 -17.95
CA ASP B 187 16.01 21.49 -18.42
C ASP B 187 16.15 21.52 -19.94
N GLU B 188 15.17 22.10 -20.61
CA GLU B 188 15.19 22.20 -22.08
C GLU B 188 16.26 23.23 -22.48
N ARG B 189 16.45 24.23 -21.63
CA ARG B 189 17.45 25.26 -21.88
C ARG B 189 18.83 24.61 -21.77
N TYR B 190 19.06 23.91 -20.67
CA TYR B 190 20.34 23.24 -20.46
C TYR B 190 20.14 21.81 -20.91
N LEU B 191 20.40 21.60 -22.20
CA LEU B 191 20.22 20.32 -22.81
C LEU B 191 21.27 19.32 -22.39
N GLU B 192 20.83 18.20 -21.82
CA GLU B 192 21.74 17.13 -21.44
C GLU B 192 22.23 16.44 -22.72
N ILE B 193 23.50 16.62 -23.04
CA ILE B 193 24.05 16.00 -24.25
C ILE B 193 24.97 14.82 -23.94
N TRP B 194 25.90 15.01 -23.01
CA TRP B 194 26.85 13.94 -22.66
C TRP B 194 26.67 13.47 -21.22
N ASN B 195 26.95 12.19 -20.99
CA ASN B 195 26.81 11.61 -19.65
C ASN B 195 27.95 10.65 -19.38
N LEU B 196 28.84 11.03 -18.46
CA LEU B 196 29.98 10.16 -18.10
C LEU B 196 29.69 9.44 -16.78
N VAL B 197 30.07 8.16 -16.71
CA VAL B 197 29.88 7.38 -15.50
C VAL B 197 31.13 6.59 -15.09
N PHE B 198 31.59 6.80 -13.86
CA PHE B 198 32.77 6.12 -13.37
C PHE B 198 32.39 5.00 -12.42
N MET B 199 32.67 3.76 -12.82
CA MET B 199 32.35 2.60 -12.01
C MET B 199 33.53 2.43 -11.04
N GLN B 200 33.58 3.31 -10.04
CA GLN B 200 34.65 3.30 -9.06
C GLN B 200 34.41 2.36 -7.85
N TYR B 201 33.16 2.03 -7.57
CA TYR B 201 32.86 1.15 -6.44
C TYR B 201 32.01 -0.04 -6.79
N ASN B 202 31.92 -0.96 -5.84
CA ASN B 202 31.11 -2.17 -5.98
C ASN B 202 30.22 -2.20 -4.74
N ARG B 203 28.92 -2.40 -4.98
CA ARG B 203 27.97 -2.45 -3.88
C ARG B 203 27.45 -3.86 -3.67
N ASP B 204 27.55 -4.36 -2.44
CA ASP B 204 27.06 -5.70 -2.12
C ASP B 204 25.54 -5.74 -1.89
N GLU B 205 25.02 -6.91 -1.55
CA GLU B 205 23.59 -7.12 -1.35
C GLU B 205 23.02 -6.46 -0.12
N ASN B 206 23.83 -5.68 0.57
CA ASN B 206 23.41 -4.98 1.78
C ASN B 206 23.63 -3.49 1.66
N GLY B 207 23.77 -3.01 0.42
CA GLY B 207 23.97 -1.59 0.18
C GLY B 207 25.31 -1.07 0.67
N VAL B 208 26.34 -1.92 0.61
CA VAL B 208 27.67 -1.52 1.05
C VAL B 208 28.61 -1.41 -0.16
N LEU B 209 29.24 -0.25 -0.30
CA LEU B 209 30.17 -0.03 -1.41
C LEU B 209 31.64 -0.22 -1.02
N THR B 210 32.42 -0.72 -1.96
CA THR B 210 33.84 -0.95 -1.72
C THR B 210 34.58 -0.79 -3.05
N PRO B 211 35.68 -0.04 -3.04
CA PRO B 211 36.49 0.20 -4.24
C PRO B 211 36.75 -1.06 -5.04
N LEU B 212 36.69 -0.93 -6.37
CA LEU B 212 36.93 -2.05 -7.27
C LEU B 212 38.42 -2.11 -7.60
N PRO B 213 38.99 -3.32 -7.78
CA PRO B 213 40.41 -3.42 -8.11
C PRO B 213 40.73 -2.64 -9.39
N HIS B 214 39.86 -2.80 -10.38
CA HIS B 214 39.99 -2.12 -11.65
C HIS B 214 38.66 -1.50 -12.09
N PRO B 215 38.47 -0.21 -11.79
CA PRO B 215 37.26 0.54 -12.14
C PRO B 215 37.04 0.65 -13.66
N ASN B 216 35.84 1.06 -14.06
CA ASN B 216 35.51 1.18 -15.49
C ASN B 216 35.02 2.55 -15.88
N ILE B 217 34.78 2.72 -17.19
CA ILE B 217 34.30 4.00 -17.69
C ILE B 217 33.15 3.79 -18.65
N ASP B 218 32.03 4.43 -18.38
CA ASP B 218 30.86 4.27 -19.25
C ASP B 218 30.29 5.63 -19.64
N THR B 219 30.25 5.88 -20.94
CA THR B 219 29.71 7.13 -21.45
C THR B 219 28.65 6.81 -22.49
N GLY B 220 27.63 7.66 -22.57
CA GLY B 220 26.55 7.43 -23.51
C GLY B 220 26.06 8.79 -23.96
N MET B 221 26.03 9.01 -25.27
CA MET B 221 25.56 10.29 -25.82
C MET B 221 24.58 10.09 -26.97
N GLY B 222 23.38 10.67 -26.84
CA GLY B 222 22.40 10.58 -27.89
C GLY B 222 22.91 11.37 -29.09
N LEU B 223 22.82 10.77 -30.27
CA LEU B 223 23.25 11.45 -31.49
C LEU B 223 22.19 12.45 -31.95
N GLU B 224 20.96 11.97 -32.07
CA GLU B 224 19.86 12.80 -32.53
C GLU B 224 19.80 14.09 -31.72
N ARG B 225 20.25 14.01 -30.47
CA ARG B 225 20.19 15.17 -29.58
C ARG B 225 21.33 16.16 -29.78
N ILE B 226 22.55 15.63 -29.86
CA ILE B 226 23.72 16.48 -30.06
C ILE B 226 23.69 17.03 -31.50
N ALA B 227 22.84 16.46 -32.33
CA ALA B 227 22.69 16.90 -33.71
C ALA B 227 21.67 18.04 -33.80
N SER B 228 20.82 18.17 -32.79
CA SER B 228 19.83 19.24 -32.78
C SER B 228 20.50 20.58 -32.46
N VAL B 229 21.64 20.55 -31.77
CA VAL B 229 22.36 21.76 -31.38
C VAL B 229 23.36 22.19 -32.45
N LEU B 230 24.06 21.22 -33.04
CA LEU B 230 25.04 21.52 -34.07
C LEU B 230 24.39 21.92 -35.39
N GLN B 231 23.07 21.76 -35.47
CA GLN B 231 22.34 22.12 -36.68
C GLN B 231 21.26 23.18 -36.41
N GLY B 232 21.31 23.77 -35.22
CA GLY B 232 20.32 24.78 -34.88
C GLY B 232 18.86 24.35 -34.94
N LYS B 233 18.60 23.07 -34.63
CA LYS B 233 17.24 22.55 -34.65
C LYS B 233 16.56 22.82 -33.31
N ASN B 234 15.32 23.29 -33.36
CA ASN B 234 14.57 23.59 -32.13
C ASN B 234 14.12 22.32 -31.45
N SER B 235 13.74 21.33 -32.26
CA SER B 235 13.29 20.04 -31.74
C SER B 235 14.21 18.92 -32.22
N ASN B 236 14.01 17.73 -31.68
CA ASN B 236 14.81 16.57 -32.05
C ASN B 236 14.21 15.91 -33.29
N PHE B 237 13.05 16.42 -33.70
CA PHE B 237 12.33 15.90 -34.85
C PHE B 237 12.51 16.76 -36.10
N GLU B 238 13.67 17.40 -36.24
CA GLU B 238 13.94 18.23 -37.41
C GLU B 238 15.37 18.06 -37.91
N ILE B 239 16.11 17.14 -37.30
CA ILE B 239 17.48 16.88 -37.70
C ILE B 239 17.54 16.25 -39.11
N ASP B 240 18.71 16.31 -39.72
CA ASP B 240 18.93 15.80 -41.07
C ASP B 240 18.37 14.42 -41.35
N ILE B 241 18.26 13.58 -40.33
CA ILE B 241 17.77 12.21 -40.53
C ILE B 241 16.35 11.93 -40.07
N ILE B 242 15.72 12.90 -39.40
CA ILE B 242 14.36 12.69 -38.92
C ILE B 242 13.30 13.56 -39.59
N PHE B 243 13.70 14.73 -40.09
CA PHE B 243 12.73 15.62 -40.72
C PHE B 243 12.06 15.02 -41.97
N PRO B 244 12.85 14.34 -42.83
CA PRO B 244 12.27 13.74 -44.03
C PRO B 244 11.10 12.85 -43.68
N LEU B 245 11.14 12.30 -42.46
CA LEU B 245 10.08 11.43 -41.97
C LEU B 245 8.83 12.25 -41.70
N ILE B 246 9.02 13.43 -41.11
CA ILE B 246 7.89 14.30 -40.81
C ILE B 246 7.24 14.70 -42.13
N GLN B 247 8.09 14.96 -43.14
CA GLN B 247 7.62 15.32 -44.47
C GLN B 247 6.70 14.22 -44.96
N PHE B 248 7.05 12.97 -44.63
CA PHE B 248 6.24 11.83 -45.03
C PHE B 248 4.95 11.86 -44.23
N GLY B 249 4.99 12.57 -43.11
CA GLY B 249 3.82 12.65 -42.26
C GLY B 249 2.96 13.83 -42.71
N GLU B 250 3.53 14.64 -43.60
CA GLU B 250 2.82 15.80 -44.11
C GLU B 250 2.36 15.55 -45.55
N GLU B 251 2.99 14.58 -46.21
CA GLU B 251 2.66 14.28 -47.59
C GLU B 251 1.65 13.15 -47.76
N VAL B 252 1.22 12.55 -46.65
CA VAL B 252 0.25 11.47 -46.71
C VAL B 252 -1.08 11.83 -46.04
N SER B 253 -1.02 12.73 -45.08
CA SER B 253 -2.22 13.18 -44.37
C SER B 253 -2.69 14.53 -44.89
N GLY B 254 -1.76 15.25 -45.53
CA GLY B 254 -2.08 16.55 -46.08
C GLY B 254 -1.68 17.62 -45.09
N LYS B 255 -1.89 17.32 -43.81
CA LYS B 255 -1.57 18.24 -42.73
C LYS B 255 -0.10 18.58 -42.76
N LYS B 256 0.28 19.66 -42.08
CA LYS B 256 1.67 20.10 -42.01
C LYS B 256 2.24 19.96 -40.60
N TYR B 257 3.41 20.55 -40.39
CA TYR B 257 4.09 20.52 -39.10
C TYR B 257 4.25 21.93 -38.54
N GLY B 258 4.17 22.05 -37.22
CA GLY B 258 4.32 23.35 -36.58
C GLY B 258 3.07 24.20 -36.54
N GLU B 259 1.90 23.56 -36.70
CA GLU B 259 0.66 24.32 -36.71
C GLU B 259 -0.13 24.19 -35.40
N LYS B 260 -0.60 22.98 -35.13
CA LYS B 260 -1.38 22.73 -33.91
C LYS B 260 -0.55 21.96 -32.87
N PHE B 261 -1.23 21.44 -31.85
CA PHE B 261 -0.55 20.67 -30.80
C PHE B 261 -0.69 19.17 -31.03
N GLU B 262 -1.93 18.69 -30.94
CA GLU B 262 -2.24 17.28 -31.14
C GLU B 262 -1.79 16.80 -32.51
N THR B 263 -1.72 17.72 -33.46
CA THR B 263 -1.29 17.39 -34.80
C THR B 263 0.18 16.97 -34.86
N ASP B 264 1.05 17.91 -34.46
CA ASP B 264 2.49 17.67 -34.47
C ASP B 264 2.93 16.54 -33.52
N VAL B 265 2.07 16.19 -32.57
CA VAL B 265 2.38 15.12 -31.64
C VAL B 265 2.44 13.86 -32.50
N ALA B 266 1.34 13.59 -33.20
CA ALA B 266 1.24 12.44 -34.07
C ALA B 266 2.38 12.44 -35.06
N LEU B 267 2.59 13.58 -35.71
CA LEU B 267 3.66 13.71 -36.70
C LEU B 267 4.99 13.19 -36.17
N ARG B 268 5.25 13.40 -34.89
CA ARG B 268 6.49 12.95 -34.27
C ARG B 268 6.45 11.47 -33.94
N VAL B 269 5.31 11.01 -33.45
CA VAL B 269 5.17 9.61 -33.07
C VAL B 269 5.39 8.70 -34.29
N ILE B 270 4.66 8.98 -35.36
CA ILE B 270 4.78 8.18 -36.55
C ILE B 270 6.22 8.21 -37.03
N ALA B 271 6.77 9.42 -37.09
CA ALA B 271 8.14 9.61 -37.55
C ALA B 271 9.16 8.89 -36.65
N ASP B 272 8.90 8.94 -35.33
CA ASP B 272 9.79 8.31 -34.37
C ASP B 272 9.57 6.80 -34.32
N HIS B 273 8.31 6.39 -34.40
CA HIS B 273 7.97 4.97 -34.37
C HIS B 273 8.31 4.23 -35.68
N LEU B 274 8.44 4.96 -36.77
CA LEU B 274 8.78 4.30 -38.03
C LEU B 274 10.15 3.66 -37.93
N ARG B 275 11.02 4.29 -37.14
CA ARG B 275 12.37 3.78 -36.93
C ARG B 275 12.37 2.61 -35.92
N ALA B 276 11.47 2.69 -34.94
CA ALA B 276 11.35 1.67 -33.91
C ALA B 276 10.87 0.34 -34.47
N ILE B 277 10.06 0.40 -35.52
CA ILE B 277 9.53 -0.80 -36.14
C ILE B 277 10.52 -1.38 -37.13
N THR B 278 11.10 -0.53 -37.96
CA THR B 278 12.08 -0.98 -38.95
C THR B 278 13.29 -1.68 -38.33
N PHE B 279 13.98 -0.96 -37.45
CA PHE B 279 15.15 -1.48 -36.76
C PHE B 279 14.89 -2.70 -35.87
N ALA B 280 13.61 -2.96 -35.57
CA ALA B 280 13.24 -4.08 -34.73
C ALA B 280 12.96 -5.31 -35.54
N ILE B 281 12.07 -5.18 -36.52
CA ILE B 281 11.72 -6.30 -37.40
C ILE B 281 12.94 -6.77 -38.18
N SER B 282 13.81 -5.83 -38.52
CA SER B 282 15.04 -6.14 -39.25
C SER B 282 15.89 -7.14 -38.46
N ASP B 283 15.52 -7.39 -37.20
CA ASP B 283 16.25 -8.31 -36.36
C ASP B 283 15.43 -9.55 -35.97
N GLY B 284 14.40 -9.86 -36.75
CA GLY B 284 13.57 -11.01 -36.45
C GLY B 284 12.39 -10.86 -35.49
N VAL B 285 12.14 -9.67 -34.98
CA VAL B 285 11.02 -9.48 -34.05
C VAL B 285 9.69 -9.56 -34.78
N ILE B 286 9.05 -10.72 -34.67
CA ILE B 286 7.77 -10.95 -35.34
C ILE B 286 6.67 -10.42 -34.42
N PRO B 287 5.89 -9.43 -34.89
CA PRO B 287 4.79 -8.80 -34.15
C PRO B 287 3.86 -9.80 -33.45
N SER B 288 4.24 -10.20 -32.23
CA SER B 288 3.44 -11.16 -31.48
C SER B 288 3.07 -10.69 -30.08
N ASN B 289 3.26 -11.57 -29.10
CA ASN B 289 2.95 -11.23 -27.71
C ASN B 289 4.09 -11.44 -26.74
N GLU B 290 4.82 -12.53 -26.90
CA GLU B 290 5.94 -12.84 -26.01
C GLU B 290 7.23 -12.14 -26.44
N GLY B 291 8.19 -12.09 -25.53
CA GLY B 291 9.47 -11.46 -25.81
C GLY B 291 9.35 -9.99 -26.13
N ARG B 292 9.74 -9.63 -27.34
CA ARG B 292 9.68 -8.25 -27.79
C ARG B 292 8.69 -8.06 -28.94
N GLY B 293 7.83 -9.05 -29.17
CA GLY B 293 6.87 -8.96 -30.24
C GLY B 293 5.76 -7.99 -29.92
N TYR B 294 5.12 -8.18 -28.77
CA TYR B 294 4.04 -7.30 -28.35
C TYR B 294 4.51 -5.87 -28.17
N VAL B 295 5.82 -5.71 -27.97
CA VAL B 295 6.41 -4.39 -27.79
C VAL B 295 6.26 -3.62 -29.09
N ILE B 296 6.79 -4.19 -30.17
CA ILE B 296 6.69 -3.58 -31.49
C ILE B 296 5.22 -3.46 -31.84
N ARG B 297 4.47 -4.55 -31.70
CA ARG B 297 3.03 -4.58 -31.97
C ARG B 297 2.34 -3.36 -31.36
N ARG B 298 2.58 -3.12 -30.07
CA ARG B 298 2.00 -1.95 -29.42
C ARG B 298 2.46 -0.66 -30.13
N ILE B 299 3.71 -0.64 -30.54
CA ILE B 299 4.27 0.51 -31.21
C ILE B 299 3.64 0.67 -32.57
N LEU B 300 3.79 -0.36 -33.38
CA LEU B 300 3.28 -0.40 -34.75
C LEU B 300 1.79 -0.08 -34.75
N ARG B 301 1.13 -0.37 -33.64
CA ARG B 301 -0.29 -0.10 -33.53
C ARG B 301 -0.54 1.36 -33.10
N ARG B 302 0.32 1.85 -32.21
CA ARG B 302 0.17 3.22 -31.73
C ARG B 302 0.39 4.19 -32.89
N ALA B 303 1.39 3.89 -33.71
CA ALA B 303 1.71 4.71 -34.85
C ALA B 303 0.49 4.67 -35.81
N MET B 304 -0.29 3.60 -35.72
CA MET B 304 -1.48 3.46 -36.57
C MET B 304 -2.62 4.32 -36.01
N ARG B 305 -2.73 4.34 -34.70
CA ARG B 305 -3.76 5.10 -34.01
C ARG B 305 -3.69 6.57 -34.38
N PHE B 306 -2.51 7.18 -34.18
CA PHE B 306 -2.33 8.59 -34.51
C PHE B 306 -2.40 8.80 -36.00
N GLY B 307 -2.43 7.70 -36.77
CA GLY B 307 -2.55 7.81 -38.21
C GLY B 307 -3.98 8.19 -38.54
N TYR B 308 -4.89 7.29 -38.19
CA TYR B 308 -6.33 7.49 -38.41
C TYR B 308 -6.77 8.82 -37.79
N LYS B 309 -6.17 9.16 -36.65
CA LYS B 309 -6.51 10.40 -35.95
C LYS B 309 -6.38 11.57 -36.93
N LEU B 310 -5.23 11.65 -37.59
CA LEU B 310 -4.94 12.70 -38.54
C LEU B 310 -5.85 12.62 -39.75
N GLY B 311 -6.81 11.70 -39.72
CA GLY B 311 -7.75 11.55 -40.82
C GLY B 311 -7.33 10.53 -41.88
N ILE B 312 -6.15 9.92 -41.74
CA ILE B 312 -5.68 8.91 -42.68
C ILE B 312 -6.72 7.79 -42.84
N GLU B 313 -6.92 7.35 -44.07
CA GLU B 313 -7.91 6.29 -44.34
C GLU B 313 -7.31 4.96 -44.77
N ASN B 314 -5.99 4.91 -44.98
CA ASN B 314 -5.33 3.68 -45.40
C ASN B 314 -3.95 3.49 -44.79
N PRO B 315 -3.51 2.21 -44.71
CA PRO B 315 -2.18 1.90 -44.14
C PRO B 315 -1.11 2.72 -44.87
N PHE B 316 0.02 2.97 -44.21
CA PHE B 316 1.09 3.75 -44.81
C PHE B 316 2.46 3.58 -44.14
N LEU B 317 2.54 2.79 -43.08
CA LEU B 317 3.80 2.62 -42.38
C LEU B 317 4.79 1.83 -43.23
N TYR B 318 4.30 0.79 -43.90
CA TYR B 318 5.15 -0.05 -44.72
C TYR B 318 5.74 0.75 -45.86
N LYS B 319 5.17 1.93 -46.09
CA LYS B 319 5.65 2.82 -47.15
C LYS B 319 6.82 3.61 -46.59
N GLY B 320 6.69 4.02 -45.34
CA GLY B 320 7.73 4.78 -44.69
C GLY B 320 8.99 3.97 -44.44
N VAL B 321 8.83 2.65 -44.26
CA VAL B 321 9.96 1.77 -43.99
C VAL B 321 11.11 2.07 -44.95
N ASP B 322 10.75 2.21 -46.22
CA ASP B 322 11.73 2.48 -47.26
C ASP B 322 12.51 3.77 -47.04
N LEU B 323 11.82 4.81 -46.57
CA LEU B 323 12.46 6.09 -46.31
C LEU B 323 13.38 5.97 -45.10
N VAL B 324 13.17 4.91 -44.32
CA VAL B 324 13.98 4.69 -43.13
C VAL B 324 15.28 4.04 -43.58
N VAL B 325 15.16 2.99 -44.38
CA VAL B 325 16.31 2.24 -44.87
C VAL B 325 17.18 3.16 -45.67
N ASP B 326 16.56 4.08 -46.41
CA ASP B 326 17.30 5.04 -47.22
C ASP B 326 18.23 5.90 -46.35
N ILE B 327 17.63 6.67 -45.44
CA ILE B 327 18.37 7.56 -44.55
C ILE B 327 19.45 6.87 -43.70
N MET B 328 19.17 5.63 -43.29
CA MET B 328 20.11 4.89 -42.45
C MET B 328 20.82 3.75 -43.17
N LYS B 329 21.08 3.90 -44.46
CA LYS B 329 21.75 2.84 -45.20
C LYS B 329 23.27 2.80 -45.06
N GLU B 330 23.92 3.95 -45.13
CA GLU B 330 25.37 4.01 -45.02
C GLU B 330 25.83 3.46 -43.67
N PRO B 331 25.26 3.96 -42.56
CA PRO B 331 25.64 3.50 -41.23
C PRO B 331 25.31 2.04 -40.98
N TYR B 332 24.13 1.62 -41.40
CA TYR B 332 23.70 0.24 -41.23
C TYR B 332 23.16 -0.36 -42.54
N PRO B 333 24.06 -0.63 -43.49
CA PRO B 333 23.73 -1.20 -44.81
C PRO B 333 22.95 -2.49 -44.73
N GLU B 334 23.02 -3.15 -43.58
CA GLU B 334 22.33 -4.40 -43.34
C GLU B 334 20.80 -4.26 -43.47
N LEU B 335 20.34 -3.01 -43.56
CA LEU B 335 18.91 -2.70 -43.65
C LEU B 335 18.33 -2.85 -45.05
N GLU B 336 19.20 -2.76 -46.06
CA GLU B 336 18.74 -2.89 -47.44
C GLU B 336 18.41 -4.32 -47.81
N LEU B 337 19.12 -5.28 -47.21
CA LEU B 337 18.86 -6.68 -47.47
C LEU B 337 17.61 -7.12 -46.69
N SER B 338 17.13 -6.26 -45.81
CA SER B 338 15.95 -6.56 -45.01
C SER B 338 14.77 -5.68 -45.40
N ARG B 339 15.01 -4.74 -46.30
CA ARG B 339 13.97 -3.81 -46.73
C ARG B 339 12.66 -4.53 -47.06
N GLU B 340 12.72 -5.43 -48.03
CA GLU B 340 11.54 -6.17 -48.48
C GLU B 340 10.88 -7.01 -47.39
N PHE B 341 11.69 -7.66 -46.56
CA PHE B 341 11.17 -8.48 -45.48
C PHE B 341 10.38 -7.54 -44.52
N VAL B 342 11.09 -6.56 -43.97
CA VAL B 342 10.49 -5.61 -43.04
C VAL B 342 9.24 -5.00 -43.64
N LYS B 343 9.37 -4.48 -44.88
CA LYS B 343 8.27 -3.82 -45.55
C LYS B 343 7.08 -4.74 -45.71
N GLY B 344 7.35 -6.04 -45.70
CA GLY B 344 6.28 -7.01 -45.86
C GLY B 344 5.59 -7.29 -44.55
N ILE B 345 6.41 -7.43 -43.51
CA ILE B 345 5.92 -7.70 -42.18
C ILE B 345 5.01 -6.55 -41.75
N VAL B 346 5.50 -5.33 -41.90
CA VAL B 346 4.77 -4.13 -41.53
C VAL B 346 3.44 -4.00 -42.26
N LYS B 347 3.44 -4.35 -43.55
CA LYS B 347 2.25 -4.25 -44.36
C LYS B 347 1.19 -5.20 -43.87
N GLY B 348 1.60 -6.44 -43.64
CA GLY B 348 0.66 -7.44 -43.18
C GLY B 348 -0.01 -7.07 -41.87
N GLU B 349 0.79 -6.77 -40.85
CA GLU B 349 0.28 -6.39 -39.55
C GLU B 349 -0.74 -5.29 -39.69
N GLU B 350 -0.42 -4.28 -40.49
CA GLU B 350 -1.33 -3.14 -40.71
C GLU B 350 -2.67 -3.62 -41.30
N LYS B 351 -2.59 -4.26 -42.45
CA LYS B 351 -3.79 -4.76 -43.12
C LYS B 351 -4.64 -5.59 -42.17
N ARG B 352 -3.97 -6.39 -41.34
CA ARG B 352 -4.62 -7.25 -40.38
C ARG B 352 -5.40 -6.52 -39.28
N PHE B 353 -4.84 -5.46 -38.72
CA PHE B 353 -5.50 -4.74 -37.63
C PHE B 353 -6.13 -3.41 -37.99
N ILE B 354 -5.95 -2.97 -39.23
CA ILE B 354 -6.47 -1.67 -39.67
C ILE B 354 -7.99 -1.57 -39.56
N LYS B 355 -8.71 -2.65 -39.83
CA LYS B 355 -10.18 -2.63 -39.79
C LYS B 355 -10.70 -2.48 -38.37
N THR B 356 -10.24 -3.37 -37.48
CA THR B 356 -10.67 -3.34 -36.09
C THR B 356 -10.17 -2.07 -35.41
N LEU B 357 -9.08 -1.53 -35.93
CA LEU B 357 -8.51 -0.32 -35.36
C LEU B 357 -9.53 0.82 -35.37
N LYS B 358 -10.02 1.16 -36.55
CA LYS B 358 -11.00 2.25 -36.68
C LYS B 358 -12.27 1.81 -35.97
N ALA B 359 -12.55 0.52 -36.04
CA ALA B 359 -13.75 0.00 -35.40
C ALA B 359 -13.75 0.38 -33.94
N GLY B 360 -12.68 -0.04 -33.26
CA GLY B 360 -12.55 0.26 -31.84
C GLY B 360 -12.62 1.76 -31.60
N MET B 361 -12.04 2.52 -32.52
CA MET B 361 -12.02 3.98 -32.40
C MET B 361 -13.42 4.48 -32.15
N GLU B 362 -14.36 4.11 -33.03
CA GLU B 362 -15.73 4.54 -32.89
C GLU B 362 -16.22 4.16 -31.51
N TYR B 363 -15.85 2.95 -31.09
CA TYR B 363 -16.27 2.45 -29.79
C TYR B 363 -15.69 3.29 -28.65
N ILE B 364 -14.38 3.43 -28.64
CA ILE B 364 -13.69 4.21 -27.61
C ILE B 364 -14.27 5.61 -27.53
N GLN B 365 -14.60 6.19 -28.67
CA GLN B 365 -15.18 7.53 -28.71
C GLN B 365 -16.66 7.47 -28.36
N GLU B 366 -17.29 6.34 -28.67
CA GLU B 366 -18.71 6.15 -28.40
C GLU B 366 -19.01 6.07 -26.92
N VAL B 367 -18.15 5.39 -26.15
CA VAL B 367 -18.33 5.24 -24.72
C VAL B 367 -17.75 6.40 -23.91
N ILE B 368 -16.68 7.00 -24.41
CA ILE B 368 -16.06 8.13 -23.74
C ILE B 368 -17.03 9.32 -23.80
N GLN B 369 -17.88 9.33 -24.82
CA GLN B 369 -18.88 10.38 -25.01
C GLN B 369 -20.08 10.12 -24.11
N LYS B 370 -20.33 8.83 -23.86
CA LYS B 370 -21.44 8.42 -23.00
C LYS B 370 -21.07 8.66 -21.53
N ALA B 371 -19.79 8.43 -21.20
CA ALA B 371 -19.27 8.61 -19.85
C ALA B 371 -19.58 10.01 -19.34
N LEU B 372 -18.93 11.00 -19.95
CA LEU B 372 -19.15 12.39 -19.55
C LEU B 372 -20.51 12.93 -19.96
N GLU B 373 -21.49 12.04 -20.10
CA GLU B 373 -22.83 12.45 -20.46
C GLU B 373 -23.64 12.47 -19.15
N GLU B 374 -23.06 11.86 -18.12
CA GLU B 374 -23.68 11.79 -16.81
C GLU B 374 -22.70 12.03 -15.67
N GLY B 375 -21.57 11.33 -15.70
CA GLY B 375 -20.57 11.51 -14.65
C GLY B 375 -19.67 10.31 -14.41
N ARG B 376 -19.14 9.74 -15.49
CA ARG B 376 -18.24 8.58 -15.39
C ARG B 376 -16.81 9.06 -15.58
N LYS B 377 -16.19 9.53 -14.50
CA LYS B 377 -14.84 10.07 -14.52
C LYS B 377 -13.79 9.24 -15.22
N THR B 378 -14.04 7.94 -15.34
CA THR B 378 -13.11 7.02 -16.00
C THR B 378 -13.93 5.97 -16.77
N LEU B 379 -13.23 5.03 -17.39
CA LEU B 379 -13.93 3.99 -18.12
C LEU B 379 -13.85 2.76 -17.26
N SER B 380 -14.99 2.19 -16.88
CA SER B 380 -14.99 0.99 -16.04
C SER B 380 -14.37 -0.17 -16.79
N GLY B 381 -13.96 -1.21 -16.05
CA GLY B 381 -13.35 -2.37 -16.66
C GLY B 381 -14.26 -3.00 -17.71
N LYS B 382 -15.56 -2.81 -17.53
CA LYS B 382 -16.55 -3.36 -18.44
C LYS B 382 -16.46 -2.74 -19.84
N GLU B 383 -15.51 -1.83 -20.01
CA GLU B 383 -15.33 -1.15 -21.30
C GLU B 383 -13.90 -1.25 -21.79
N VAL B 384 -12.94 -1.22 -20.85
CA VAL B 384 -11.54 -1.31 -21.21
C VAL B 384 -11.26 -2.69 -21.79
N PHE B 385 -11.77 -3.72 -21.13
CA PHE B 385 -11.59 -5.09 -21.56
C PHE B 385 -12.10 -5.30 -22.98
N THR B 386 -13.15 -4.56 -23.33
CA THR B 386 -13.74 -4.66 -24.65
C THR B 386 -12.70 -4.24 -25.68
N ALA B 387 -12.21 -3.01 -25.53
CA ALA B 387 -11.19 -2.47 -26.42
C ALA B 387 -9.93 -3.33 -26.42
N TYR B 388 -9.73 -4.07 -25.34
CA TYR B 388 -8.58 -4.96 -25.18
C TYR B 388 -8.76 -6.25 -25.97
N ASP B 389 -9.72 -7.07 -25.55
CA ASP B 389 -10.00 -8.34 -26.21
C ASP B 389 -10.69 -8.17 -27.57
N THR B 390 -11.86 -7.52 -27.55
CA THR B 390 -12.64 -7.32 -28.77
C THR B 390 -11.88 -6.63 -29.92
N TYR B 391 -11.31 -5.47 -29.66
CA TYR B 391 -10.62 -4.74 -30.71
C TYR B 391 -9.11 -4.89 -30.76
N GLY B 392 -8.55 -5.58 -29.77
CA GLY B 392 -7.11 -5.78 -29.74
C GLY B 392 -6.27 -4.53 -29.46
N PHE B 393 -6.77 -3.65 -28.59
CA PHE B 393 -6.05 -2.43 -28.28
C PHE B 393 -5.28 -2.53 -26.98
N PRO B 394 -3.97 -2.26 -27.01
CA PRO B 394 -3.15 -2.32 -25.80
C PRO B 394 -3.74 -1.41 -24.75
N VAL B 395 -3.64 -1.79 -23.48
CA VAL B 395 -4.22 -1.00 -22.41
C VAL B 395 -3.65 0.41 -22.36
N ASP B 396 -2.43 0.58 -22.85
CA ASP B 396 -1.75 1.88 -22.84
C ASP B 396 -2.35 2.83 -23.86
N LEU B 397 -2.53 2.35 -25.09
CA LEU B 397 -3.10 3.17 -26.15
C LEU B 397 -4.48 3.66 -25.74
N ILE B 398 -5.21 2.82 -25.01
CA ILE B 398 -6.54 3.16 -24.52
C ILE B 398 -6.48 4.40 -23.63
N ASP B 399 -5.57 4.39 -22.65
CA ASP B 399 -5.41 5.51 -21.73
C ASP B 399 -5.02 6.80 -22.45
N GLU B 400 -4.08 6.71 -23.36
CA GLU B 400 -3.67 7.90 -24.09
C GLU B 400 -4.87 8.64 -24.69
N ILE B 401 -5.76 7.89 -25.32
CA ILE B 401 -6.95 8.47 -25.95
C ILE B 401 -7.86 9.05 -24.86
N ALA B 402 -8.17 8.23 -23.86
CA ALA B 402 -9.02 8.65 -22.75
C ALA B 402 -8.42 9.86 -22.05
N ARG B 403 -7.11 10.02 -22.18
CA ARG B 403 -6.38 11.14 -21.56
C ARG B 403 -6.63 12.44 -22.33
N GLU B 404 -7.45 12.35 -23.38
CA GLU B 404 -7.77 13.52 -24.19
C GLU B 404 -9.07 14.19 -23.74
N LYS B 405 -10.14 13.40 -23.67
CA LYS B 405 -11.44 13.91 -23.24
C LYS B 405 -11.54 14.06 -21.72
N GLY B 406 -10.39 14.00 -21.06
CA GLY B 406 -10.38 14.16 -19.62
C GLY B 406 -10.92 12.97 -18.87
N LEU B 407 -10.61 11.76 -19.33
CA LEU B 407 -11.08 10.55 -18.67
C LEU B 407 -9.97 9.60 -18.30
N GLY B 408 -10.07 9.03 -17.09
CA GLY B 408 -9.06 8.10 -16.64
C GLY B 408 -9.62 6.70 -16.80
N ILE B 409 -9.05 5.74 -16.09
CA ILE B 409 -9.52 4.36 -16.19
C ILE B 409 -9.76 3.80 -14.80
N ASP B 410 -10.10 2.51 -14.73
CA ASP B 410 -10.32 1.84 -13.46
C ASP B 410 -8.99 1.32 -12.90
N LEU B 411 -8.67 1.70 -11.66
CA LEU B 411 -7.43 1.29 -11.02
C LEU B 411 -7.53 -0.12 -10.45
N GLU B 412 -8.74 -0.64 -10.35
CA GLU B 412 -8.95 -1.98 -9.81
C GLU B 412 -10.17 -2.63 -10.45
N GLY B 413 -10.82 -1.89 -11.38
CA GLY B 413 -11.99 -2.41 -12.05
C GLY B 413 -11.62 -3.43 -13.11
N PHE B 414 -10.55 -3.14 -13.83
CA PHE B 414 -10.07 -4.01 -14.89
C PHE B 414 -9.50 -5.27 -14.24
N GLN B 415 -8.95 -5.10 -13.04
CA GLN B 415 -8.36 -6.20 -12.30
C GLN B 415 -9.41 -7.26 -12.00
N CYS B 416 -10.64 -6.82 -11.74
CA CYS B 416 -11.74 -7.72 -11.43
C CYS B 416 -12.42 -8.25 -12.68
N GLU B 417 -12.10 -7.65 -13.83
CA GLU B 417 -12.68 -8.09 -15.09
C GLU B 417 -11.80 -9.16 -15.73
N LEU B 418 -10.51 -9.08 -15.42
CA LEU B 418 -9.53 -10.02 -15.93
C LEU B 418 -9.58 -11.29 -15.12
N GLU B 419 -9.76 -11.12 -13.81
CA GLU B 419 -9.82 -12.25 -12.89
C GLU B 419 -10.99 -13.16 -13.30
N GLU B 420 -12.16 -12.56 -13.47
CA GLU B 420 -13.34 -13.32 -13.84
C GLU B 420 -13.13 -13.97 -15.20
N GLN B 421 -12.17 -13.44 -15.97
CA GLN B 421 -11.87 -13.98 -17.29
C GLN B 421 -11.04 -15.25 -17.16
N ARG B 422 -10.45 -15.43 -15.98
CA ARG B 422 -9.62 -16.59 -15.71
C ARG B 422 -10.54 -17.75 -15.33
N GLU B 423 -11.77 -17.68 -15.82
CA GLU B 423 -12.77 -18.69 -15.53
C GLU B 423 -13.31 -19.23 -16.85
N ARG B 424 -13.70 -18.32 -17.74
CA ARG B 424 -14.21 -18.69 -19.05
C ARG B 424 -13.06 -18.94 -20.02
N ALA B 425 -11.85 -19.06 -19.50
CA ALA B 425 -10.68 -19.30 -20.34
C ALA B 425 -9.81 -20.40 -19.76
N ARG B 426 -10.41 -21.26 -18.95
CA ARG B 426 -9.65 -22.35 -18.32
C ARG B 426 -10.61 -23.35 -17.68
N LYS B 427 -11.87 -22.96 -17.56
CA LYS B 427 -12.89 -23.82 -16.97
C LYS B 427 -14.13 -23.77 -17.85
N HIS B 428 -13.98 -23.19 -19.03
CA HIS B 428 -15.07 -23.06 -19.98
C HIS B 428 -14.54 -23.20 -21.41
N PRO B 438 2.91 -17.98 -25.88
CA PRO B 438 2.14 -18.26 -24.66
C PRO B 438 2.79 -17.62 -23.43
N VAL B 439 2.02 -16.79 -22.73
CA VAL B 439 2.50 -16.11 -21.54
C VAL B 439 1.61 -16.41 -20.34
N TYR B 440 2.23 -16.54 -19.17
CA TYR B 440 1.49 -16.81 -17.95
C TYR B 440 1.59 -15.64 -16.99
N SER B 441 0.56 -15.48 -16.15
CA SER B 441 0.53 -14.40 -15.18
C SER B 441 -0.28 -14.76 -13.95
N HIS B 442 0.28 -14.51 -12.76
CA HIS B 442 -0.43 -14.80 -11.52
C HIS B 442 -1.62 -13.84 -11.52
N LEU B 443 -2.74 -14.27 -10.95
CA LEU B 443 -3.89 -13.37 -10.89
C LEU B 443 -3.59 -12.28 -9.90
N LYS B 444 -4.46 -11.29 -9.86
CA LYS B 444 -4.27 -10.18 -8.94
C LYS B 444 -2.98 -9.47 -9.30
N GLU B 445 -2.63 -9.52 -10.57
CA GLU B 445 -1.43 -8.87 -11.06
C GLU B 445 -1.60 -8.52 -12.54
N LEU B 446 -2.60 -9.13 -13.17
CA LEU B 446 -2.89 -8.90 -14.59
C LEU B 446 -3.10 -7.41 -14.79
N GLY B 447 -3.66 -6.75 -13.77
CA GLY B 447 -3.93 -5.34 -13.85
C GLY B 447 -2.73 -4.53 -14.29
N LYS B 448 -1.54 -5.07 -14.07
CA LYS B 448 -0.31 -4.39 -14.47
C LYS B 448 0.36 -5.18 -15.59
N THR B 449 0.05 -6.47 -15.66
CA THR B 449 0.63 -7.37 -16.66
C THR B 449 0.07 -7.11 -18.08
N SER B 450 -1.23 -6.84 -18.16
CA SER B 450 -1.88 -6.60 -19.44
C SER B 450 -1.21 -5.53 -20.30
N ALA B 451 -0.43 -4.65 -19.67
CA ALA B 451 0.29 -3.60 -20.39
C ALA B 451 1.62 -4.08 -20.97
N PHE B 452 1.95 -5.34 -20.76
CA PHE B 452 3.20 -5.89 -21.28
C PHE B 452 3.00 -7.31 -21.84
N VAL B 453 1.76 -7.62 -22.18
CA VAL B 453 1.43 -8.92 -22.73
C VAL B 453 0.23 -8.78 -23.67
N GLY B 454 0.18 -9.66 -24.66
CA GLY B 454 -0.93 -9.64 -25.60
C GLY B 454 -2.25 -9.79 -24.88
N ALA B 455 -3.30 -9.23 -25.47
CA ALA B 455 -4.62 -9.31 -24.86
C ALA B 455 -5.18 -10.72 -24.96
N ALA B 456 -4.90 -11.39 -26.07
CA ALA B 456 -5.37 -12.75 -26.30
C ALA B 456 -4.38 -13.82 -25.84
N ALA B 457 -3.09 -13.51 -25.88
CA ALA B 457 -2.06 -14.46 -25.48
C ALA B 457 -2.11 -14.68 -23.98
N LEU B 458 -2.98 -13.94 -23.31
CA LEU B 458 -3.14 -14.06 -21.86
C LEU B 458 -4.55 -14.52 -21.49
#